data_8HN6
#
_entry.id   8HN6
#
_cell.length_a   98.680
_cell.length_b   105.730
_cell.length_c   209.760
_cell.angle_alpha   90.000
_cell.angle_beta   90.000
_cell.angle_gamma   90.000
#
_symmetry.space_group_name_H-M   'C 2 2 21'
#
loop_
_entity.id
_entity.type
_entity.pdbx_description
1 polymer 'Heavy chain of monoclonal antibody 3G10'
2 polymer 'Light chain of monoclonal antibody 3G10'
3 polymer 'Spike protein S1'
4 water water
#
loop_
_entity_poly.entity_id
_entity_poly.type
_entity_poly.pdbx_seq_one_letter_code
_entity_poly.pdbx_strand_id
1 'polypeptide(L)'
;VQLVESGGGLVQPGESLRLSCAASGLTVSSNYMSWVRQAPGKGLEWVSVIYAGGSTFYADSVKGRFTISRDNSKNTLYLQ
MNSLRAEDMAIYYCARDLSYYGMDVWGQGTTVTVSSA
;
A,C
2 'polypeptide(L)'
;MDIQLTQFPFSLSASVGDRVTITCRASQGISTYLAWYQQKPGRAPKLLIYAASTLQSGVPSRFSGSGSGTEFTLTISSLQ
PEDFATYYCQLLNSYPVHFGQGTKLEIK
;
B,D
3 'polypeptide(L)'
;TNLCPFGEVFNATRFASVYAWNRKRISNCVADYSVLYNSASFSTFKCYGVSPTKLNDLCFTNVYADSFVIRGDEVRQIAP
GQTGKIADYNYKLPDDFTGCVIAWNSNNLDSKVGGNYNYLYRLFRKSNLKPFERDISTEIYQAGSTPCNGVEGFNCYFPL
QSYGFQPTNGVGYQPYRVVVLSFELLHAPATVCGP
;
E,F
#
# COMPACT_ATOMS: atom_id res chain seq x y z
N VAL A 1 -7.42 -13.42 -34.43
CA VAL A 1 -7.18 -13.13 -33.01
C VAL A 1 -8.48 -13.03 -32.23
N GLN A 2 -8.63 -13.86 -31.20
CA GLN A 2 -9.82 -13.73 -30.37
C GLN A 2 -9.65 -14.45 -29.04
N LEU A 3 -10.36 -13.95 -28.04
CA LEU A 3 -10.48 -14.59 -26.74
C LEU A 3 -11.95 -14.95 -26.56
N VAL A 4 -12.23 -16.18 -26.17
CA VAL A 4 -13.61 -16.63 -25.98
C VAL A 4 -13.74 -17.21 -24.58
N GLU A 5 -14.61 -16.55 -23.83
CA GLU A 5 -14.84 -16.93 -22.42
C GLU A 5 -16.07 -17.81 -22.34
N SER A 6 -16.14 -18.61 -21.30
CA SER A 6 -17.28 -19.47 -21.05
C SER A 6 -17.29 -19.79 -19.56
N GLY A 7 -18.36 -20.48 -19.13
CA GLY A 7 -18.45 -20.93 -17.75
C GLY A 7 -19.35 -20.10 -16.87
N GLY A 8 -19.90 -19.00 -17.39
CA GLY A 8 -20.79 -18.18 -16.59
C GLY A 8 -22.15 -18.81 -16.45
N GLY A 9 -22.85 -18.41 -15.39
CA GLY A 9 -24.19 -18.91 -15.17
C GLY A 9 -24.73 -18.46 -13.84
N LEU A 10 -25.96 -18.89 -13.56
CA LEU A 10 -26.62 -18.60 -12.30
C LEU A 10 -26.02 -19.45 -11.19
N VAL A 11 -25.82 -18.84 -10.03
CA VAL A 11 -25.21 -19.54 -8.92
C VAL A 11 -25.84 -18.99 -7.65
N GLN A 12 -25.80 -19.79 -6.58
CA GLN A 12 -26.28 -19.30 -5.30
C GLN A 12 -25.12 -18.73 -4.50
N PRO A 13 -25.39 -17.83 -3.56
CA PRO A 13 -24.31 -17.32 -2.72
C PRO A 13 -23.57 -18.46 -2.04
N GLY A 14 -22.25 -18.31 -1.92
CA GLY A 14 -21.43 -19.34 -1.35
C GLY A 14 -20.97 -20.42 -2.30
N GLU A 15 -21.65 -20.59 -3.44
CA GLU A 15 -21.28 -21.63 -4.39
C GLU A 15 -20.01 -21.22 -5.15
N SER A 16 -19.61 -22.06 -6.10
CA SER A 16 -18.35 -21.86 -6.80
C SER A 16 -18.55 -22.05 -8.30
N LEU A 17 -17.63 -21.49 -9.06
CA LEU A 17 -17.76 -21.48 -10.51
C LEU A 17 -16.38 -21.33 -11.11
N ARG A 18 -16.12 -22.02 -12.21
CA ARG A 18 -14.86 -21.89 -12.93
C ARG A 18 -15.13 -21.29 -14.30
N LEU A 19 -14.47 -20.19 -14.60
CA LEU A 19 -14.55 -19.57 -15.91
C LEU A 19 -13.34 -19.97 -16.72
N SER A 20 -13.53 -20.10 -18.01
CA SER A 20 -12.41 -20.41 -18.90
C SER A 20 -12.38 -19.36 -20.00
N CYS A 21 -11.21 -19.21 -20.60
CA CYS A 21 -11.02 -18.24 -21.69
C CYS A 21 -10.11 -18.90 -22.72
N ALA A 22 -10.69 -19.27 -23.86
CA ALA A 22 -9.95 -19.95 -24.92
C ALA A 22 -9.39 -18.90 -25.86
N ALA A 23 -8.07 -18.89 -26.02
CA ALA A 23 -7.41 -17.90 -26.86
C ALA A 23 -6.99 -18.51 -28.19
N SER A 24 -7.05 -17.67 -29.22
CA SER A 24 -6.48 -18.00 -30.51
C SER A 24 -5.81 -16.76 -31.08
N GLY A 25 -4.63 -16.93 -31.68
CA GLY A 25 -3.89 -15.83 -32.26
C GLY A 25 -2.97 -15.10 -31.30
N LEU A 26 -2.83 -15.59 -30.08
CA LEU A 26 -1.82 -15.16 -29.13
C LEU A 26 -1.64 -16.31 -28.16
N THR A 27 -0.48 -16.36 -27.53
CA THR A 27 -0.13 -17.46 -26.63
C THR A 27 -0.33 -17.00 -25.19
N VAL A 28 -1.29 -17.61 -24.47
CA VAL A 28 -1.65 -17.07 -23.16
C VAL A 28 -0.45 -17.12 -22.23
N SER A 29 0.33 -18.20 -22.29
CA SER A 29 1.47 -18.35 -21.39
C SER A 29 2.60 -17.41 -21.73
N SER A 30 2.57 -16.78 -22.89
CA SER A 30 3.58 -15.78 -23.22
C SER A 30 3.16 -14.36 -22.85
N ASN A 31 1.97 -14.15 -22.29
CA ASN A 31 1.42 -12.82 -22.06
C ASN A 31 1.00 -12.61 -20.61
N TYR A 32 0.96 -11.33 -20.21
CA TYR A 32 0.13 -10.92 -19.08
C TYR A 32 -1.32 -11.13 -19.47
N MET A 33 -2.05 -11.92 -18.71
CA MET A 33 -3.45 -12.18 -19.04
C MET A 33 -4.29 -11.81 -17.82
N SER A 34 -5.33 -11.01 -18.03
CA SER A 34 -6.15 -10.49 -16.94
C SER A 34 -7.61 -10.89 -17.08
N TRP A 35 -8.30 -10.96 -15.94
CA TRP A 35 -9.75 -10.93 -15.88
C TRP A 35 -10.16 -9.56 -15.38
N VAL A 36 -11.14 -8.94 -16.04
CA VAL A 36 -11.74 -7.72 -15.51
C VAL A 36 -13.24 -7.91 -15.63
N ARG A 37 -13.99 -7.46 -14.63
CA ARG A 37 -15.41 -7.71 -14.63
C ARG A 37 -16.17 -6.40 -14.60
N GLN A 38 -17.47 -6.51 -14.84
CA GLN A 38 -18.35 -5.33 -14.89
C GLN A 38 -19.71 -5.74 -14.33
N ALA A 39 -20.05 -5.21 -13.16
CA ALA A 39 -21.37 -5.44 -12.60
C ALA A 39 -22.40 -4.64 -13.40
N PRO A 40 -23.65 -5.09 -13.42
CA PRO A 40 -24.66 -4.43 -14.28
C PRO A 40 -24.77 -2.95 -13.96
N GLY A 41 -24.70 -2.12 -15.01
CA GLY A 41 -24.82 -0.67 -14.85
C GLY A 41 -23.62 0.02 -14.22
N LYS A 42 -22.53 -0.70 -13.98
CA LYS A 42 -21.35 -0.18 -13.29
C LYS A 42 -20.15 -0.25 -14.21
N GLY A 43 -19.00 0.19 -13.69
CA GLY A 43 -17.79 0.31 -14.48
C GLY A 43 -16.91 -0.92 -14.41
N LEU A 44 -15.73 -0.79 -14.99
CA LEU A 44 -14.78 -1.89 -15.10
C LEU A 44 -14.04 -2.06 -13.79
N GLU A 45 -13.86 -3.31 -13.37
CA GLU A 45 -13.10 -3.62 -12.17
C GLU A 45 -12.14 -4.75 -12.48
N TRP A 46 -10.84 -4.48 -12.35
CA TRP A 46 -9.83 -5.50 -12.60
C TRP A 46 -9.84 -6.53 -11.47
N VAL A 47 -9.68 -7.79 -11.84
CA VAL A 47 -9.88 -8.92 -10.94
C VAL A 47 -8.56 -9.63 -10.63
N SER A 48 -7.79 -9.94 -11.67
CA SER A 48 -6.60 -10.77 -11.47
C SER A 48 -5.75 -10.73 -12.74
N VAL A 49 -4.45 -10.98 -12.57
CA VAL A 49 -3.54 -11.15 -13.69
C VAL A 49 -2.60 -12.32 -13.39
N ILE A 50 -2.18 -13.01 -14.44
CA ILE A 50 -1.09 -13.97 -14.36
C ILE A 50 -0.03 -13.56 -15.36
N TYR A 51 1.20 -13.43 -14.89
CA TYR A 51 2.34 -13.08 -15.71
C TYR A 51 2.77 -14.25 -16.59
N ALA A 52 3.49 -13.93 -17.67
CA ALA A 52 4.09 -14.99 -18.49
C ALA A 52 4.95 -15.92 -17.65
N GLY A 53 5.72 -15.35 -16.71
CA GLY A 53 6.62 -16.07 -15.85
C GLY A 53 5.96 -16.79 -14.70
N GLY A 54 4.64 -16.65 -14.58
CA GLY A 54 3.84 -17.42 -13.64
C GLY A 54 3.36 -16.68 -12.41
N SER A 55 3.90 -15.50 -12.08
CA SER A 55 3.40 -14.76 -10.93
C SER A 55 1.94 -14.38 -11.14
N THR A 56 1.19 -14.36 -10.03
CA THR A 56 -0.23 -14.02 -10.07
C THR A 56 -0.52 -12.91 -9.08
N PHE A 57 -1.54 -12.10 -9.40
CA PHE A 57 -1.95 -11.02 -8.53
C PHE A 57 -3.46 -10.89 -8.56
N TYR A 58 -4.03 -10.34 -7.48
CA TYR A 58 -5.48 -10.33 -7.28
C TYR A 58 -5.93 -8.99 -6.74
N ALA A 59 -7.15 -8.60 -7.09
CA ALA A 59 -7.77 -7.45 -6.44
C ALA A 59 -8.03 -7.77 -4.96
N ASP A 60 -8.05 -6.74 -4.12
CA ASP A 60 -8.28 -6.98 -2.68
C ASP A 60 -9.60 -7.70 -2.43
N SER A 61 -10.64 -7.36 -3.19
CA SER A 61 -11.97 -7.90 -2.91
C SER A 61 -12.14 -9.35 -3.29
N VAL A 62 -11.14 -10.00 -3.89
CA VAL A 62 -11.26 -11.39 -4.31
C VAL A 62 -10.12 -12.27 -3.81
N LYS A 63 -9.14 -11.71 -3.09
CA LYS A 63 -8.00 -12.50 -2.63
C LYS A 63 -8.44 -13.63 -1.70
N GLY A 64 -7.68 -14.72 -1.75
CA GLY A 64 -7.99 -15.91 -1.00
C GLY A 64 -9.24 -16.62 -1.46
N ARG A 65 -9.90 -16.10 -2.48
CA ARG A 65 -11.21 -16.62 -2.83
C ARG A 65 -11.27 -16.96 -4.33
N PHE A 66 -10.54 -16.20 -5.15
CA PHE A 66 -10.42 -16.46 -6.58
C PHE A 66 -9.01 -16.96 -6.88
N THR A 67 -8.89 -17.79 -7.91
CA THR A 67 -7.58 -18.28 -8.34
C THR A 67 -7.51 -18.25 -9.86
N ILE A 68 -6.53 -17.52 -10.41
CA ILE A 68 -6.26 -17.51 -11.84
C ILE A 68 -5.25 -18.62 -12.17
N SER A 69 -5.43 -19.23 -13.34
CA SER A 69 -4.50 -20.26 -13.80
C SER A 69 -4.62 -20.38 -15.31
N ARG A 70 -3.73 -21.17 -15.91
CA ARG A 70 -3.76 -21.34 -17.35
C ARG A 70 -3.35 -22.77 -17.70
N ASP A 71 -3.71 -23.18 -18.91
CA ASP A 71 -3.30 -24.45 -19.48
C ASP A 71 -2.60 -24.18 -20.81
N ASN A 72 -1.26 -24.34 -20.85
CA ASN A 72 -0.50 -24.04 -22.05
C ASN A 72 -0.95 -24.89 -23.23
N SER A 73 -1.16 -26.20 -23.00
CA SER A 73 -1.48 -27.08 -24.11
C SER A 73 -2.82 -26.73 -24.75
N LYS A 74 -3.74 -26.17 -23.97
CA LYS A 74 -5.03 -25.75 -24.50
C LYS A 74 -5.09 -24.27 -24.84
N ASN A 75 -4.00 -23.52 -24.63
CA ASN A 75 -3.97 -22.07 -24.84
C ASN A 75 -5.18 -21.39 -24.20
N THR A 76 -5.39 -21.67 -22.91
CA THR A 76 -6.62 -21.33 -22.22
C THR A 76 -6.30 -20.78 -20.84
N LEU A 77 -6.99 -19.70 -20.48
CA LEU A 77 -6.90 -19.06 -19.18
C LEU A 77 -8.12 -19.44 -18.34
N TYR A 78 -7.92 -19.58 -17.02
CA TYR A 78 -9.01 -19.97 -16.12
C TYR A 78 -9.10 -19.00 -14.94
N LEU A 79 -10.30 -18.91 -14.38
CA LEU A 79 -10.52 -18.19 -13.12
C LEU A 79 -11.41 -19.05 -12.24
N GLN A 80 -10.85 -19.60 -11.18
CA GLN A 80 -11.62 -20.40 -10.24
C GLN A 80 -12.22 -19.47 -9.19
N MET A 81 -13.55 -19.44 -9.10
CA MET A 81 -14.24 -18.54 -8.19
C MET A 81 -14.96 -19.32 -7.10
N ASN A 82 -14.54 -19.13 -5.85
CA ASN A 82 -15.12 -19.79 -4.69
C ASN A 82 -15.86 -18.79 -3.83
N SER A 83 -16.83 -19.30 -3.05
CA SER A 83 -17.58 -18.51 -2.08
C SER A 83 -18.16 -17.25 -2.71
N LEU A 84 -18.93 -17.45 -3.78
CA LEU A 84 -19.45 -16.35 -4.58
C LEU A 84 -20.44 -15.51 -3.78
N ARG A 85 -20.32 -14.19 -3.92
CA ARG A 85 -21.15 -13.20 -3.23
C ARG A 85 -21.89 -12.37 -4.27
N ALA A 86 -22.81 -11.53 -3.79
CA ALA A 86 -23.53 -10.63 -4.69
C ALA A 86 -22.59 -9.62 -5.33
N GLU A 87 -21.51 -9.25 -4.63
CA GLU A 87 -20.49 -8.39 -5.21
C GLU A 87 -19.84 -9.01 -6.43
N ASP A 88 -19.90 -10.32 -6.58
CA ASP A 88 -19.24 -10.96 -7.72
C ASP A 88 -20.12 -11.03 -8.96
N MET A 89 -21.40 -10.67 -8.86
CA MET A 89 -22.29 -10.71 -10.01
C MET A 89 -21.84 -9.68 -11.04
N ALA A 90 -21.52 -10.14 -12.24
CA ALA A 90 -20.89 -9.27 -13.23
C ALA A 90 -20.71 -10.04 -14.53
N ILE A 91 -20.44 -9.30 -15.60
CA ILE A 91 -19.88 -9.89 -16.81
C ILE A 91 -18.38 -9.96 -16.62
N TYR A 92 -17.78 -11.11 -16.91
CA TYR A 92 -16.35 -11.30 -16.75
C TYR A 92 -15.68 -11.31 -18.11
N TYR A 93 -14.75 -10.38 -18.31
CA TYR A 93 -13.98 -10.28 -19.55
C TYR A 93 -12.58 -10.82 -19.35
N CYS A 94 -12.13 -11.59 -20.32
CA CYS A 94 -10.74 -12.01 -20.45
C CYS A 94 -10.01 -11.01 -21.33
N ALA A 95 -8.79 -10.61 -20.94
CA ALA A 95 -8.06 -9.66 -21.78
C ALA A 95 -6.57 -9.95 -21.74
N ARG A 96 -5.91 -9.67 -22.86
CA ARG A 96 -4.46 -9.70 -22.94
C ARG A 96 -3.94 -8.32 -22.59
N ASP A 97 -2.98 -8.25 -21.65
CA ASP A 97 -2.47 -6.98 -21.13
C ASP A 97 -1.06 -6.74 -21.66
N LEU A 98 -0.87 -5.59 -22.32
CA LEU A 98 0.47 -5.21 -22.74
C LEU A 98 1.10 -4.20 -21.79
N SER A 99 0.43 -3.92 -20.67
CA SER A 99 0.92 -3.29 -19.45
C SER A 99 1.43 -1.85 -19.56
N TYR A 100 1.90 -1.46 -20.72
CA TYR A 100 2.33 -0.09 -20.97
C TYR A 100 1.49 0.34 -22.16
N TYR A 101 1.12 -0.64 -22.97
CA TYR A 101 0.36 -0.43 -24.20
C TYR A 101 -1.12 -0.69 -24.01
N GLY A 102 -1.58 -0.81 -22.76
CA GLY A 102 -2.99 -1.09 -22.48
C GLY A 102 -3.34 -2.54 -22.71
N MET A 103 -4.63 -2.84 -22.52
CA MET A 103 -5.18 -4.14 -22.86
C MET A 103 -5.81 -4.05 -24.24
N ASP A 104 -5.15 -4.65 -25.23
CA ASP A 104 -5.56 -4.48 -26.61
C ASP A 104 -6.56 -5.53 -27.10
N VAL A 105 -6.52 -6.75 -26.57
CA VAL A 105 -7.45 -7.80 -26.98
C VAL A 105 -8.35 -8.16 -25.81
N TRP A 106 -9.66 -8.11 -26.04
CA TRP A 106 -10.70 -8.43 -25.07
C TRP A 106 -11.59 -9.54 -25.63
N GLY A 107 -12.04 -10.44 -24.76
CA GLY A 107 -13.14 -11.33 -25.11
C GLY A 107 -14.45 -10.60 -25.00
N GLN A 108 -15.54 -11.27 -25.35
CA GLN A 108 -16.83 -10.59 -25.33
C GLN A 108 -17.60 -10.82 -24.03
N GLY A 109 -17.01 -11.51 -23.06
CA GLY A 109 -17.54 -11.65 -21.71
C GLY A 109 -18.40 -12.88 -21.53
N THR A 110 -18.41 -13.40 -20.29
CA THR A 110 -19.33 -14.44 -19.86
C THR A 110 -20.00 -13.97 -18.58
N THR A 111 -21.29 -14.21 -18.44
CA THR A 111 -22.07 -13.56 -17.40
C THR A 111 -22.23 -14.46 -16.18
N VAL A 112 -21.94 -13.90 -15.00
CA VAL A 112 -22.12 -14.57 -13.73
C VAL A 112 -23.25 -13.88 -12.98
N THR A 113 -24.28 -14.65 -12.62
CA THR A 113 -25.43 -14.16 -11.87
C THR A 113 -25.46 -14.83 -10.50
N VAL A 114 -25.70 -14.03 -9.47
CA VAL A 114 -25.83 -14.52 -8.11
C VAL A 114 -27.24 -14.22 -7.63
N SER A 115 -27.98 -15.28 -7.29
CA SER A 115 -29.35 -15.14 -6.82
C SER A 115 -29.38 -14.48 -5.45
N SER A 116 -30.46 -13.76 -5.18
CA SER A 116 -30.65 -13.07 -3.91
C SER A 116 -31.71 -13.77 -3.07
N MET B 1 -0.73 4.83 -0.11
CA MET B 1 -1.94 5.19 -0.84
C MET B 1 -1.91 4.84 -2.32
N ASP B 2 -2.89 4.06 -2.79
CA ASP B 2 -2.96 3.86 -4.23
C ASP B 2 -3.45 5.12 -4.94
N ILE B 3 -3.17 5.12 -6.24
CA ILE B 3 -3.74 6.12 -7.12
C ILE B 3 -5.22 5.84 -7.28
N GLN B 4 -6.02 6.89 -7.29
CA GLN B 4 -7.41 6.81 -7.69
C GLN B 4 -7.60 7.63 -8.96
N LEU B 5 -8.43 7.14 -9.88
CA LEU B 5 -8.75 7.90 -11.07
C LEU B 5 -10.19 8.38 -10.98
N THR B 6 -10.41 9.64 -11.35
CA THR B 6 -11.75 10.21 -11.37
C THR B 6 -12.04 10.84 -12.73
N GLN B 7 -13.17 10.46 -13.30
CA GLN B 7 -13.53 10.93 -14.65
C GLN B 7 -14.70 11.92 -14.59
N PHE B 8 -14.66 12.96 -15.41
CA PHE B 8 -15.77 13.93 -15.50
C PHE B 8 -15.73 14.57 -16.89
N PRO B 9 -16.87 15.05 -17.43
CA PRO B 9 -18.17 14.95 -16.76
C PRO B 9 -18.70 13.52 -16.57
N PHE B 10 -19.62 13.30 -15.62
CA PHE B 10 -20.12 11.94 -15.40
C PHE B 10 -20.94 11.49 -16.60
N SER B 11 -21.77 12.38 -17.12
CA SER B 11 -22.50 12.14 -18.34
C SER B 11 -22.63 13.47 -19.03
N LEU B 12 -22.64 13.44 -20.36
CA LEU B 12 -22.61 14.62 -21.19
C LEU B 12 -23.53 14.37 -22.38
N SER B 13 -24.42 15.32 -22.64
CA SER B 13 -25.24 15.30 -23.84
C SER B 13 -24.54 16.13 -24.91
N ALA B 14 -24.53 15.62 -26.13
CA ALA B 14 -23.91 16.38 -27.23
C ALA B 14 -24.55 15.96 -28.54
N SER B 15 -24.37 16.80 -29.55
CA SER B 15 -24.87 16.55 -30.88
C SER B 15 -23.78 15.97 -31.76
N VAL B 16 -24.22 15.14 -32.71
CA VAL B 16 -23.36 14.73 -33.81
C VAL B 16 -22.72 15.96 -34.44
N GLY B 17 -21.42 15.87 -34.70
CA GLY B 17 -20.65 17.00 -35.19
C GLY B 17 -20.00 17.86 -34.12
N ASP B 18 -20.42 17.74 -32.86
CA ASP B 18 -19.81 18.53 -31.79
C ASP B 18 -18.39 18.04 -31.49
N ARG B 19 -17.55 18.97 -31.03
CA ARG B 19 -16.28 18.63 -30.41
C ARG B 19 -16.51 18.44 -28.92
N VAL B 20 -16.00 17.35 -28.36
CA VAL B 20 -16.17 17.08 -26.93
C VAL B 20 -14.81 16.77 -26.32
N THR B 21 -14.60 17.24 -25.11
CA THR B 21 -13.44 16.92 -24.31
C THR B 21 -13.90 16.39 -22.97
N ILE B 22 -13.38 15.23 -22.58
CA ILE B 22 -13.69 14.64 -21.30
C ILE B 22 -12.37 14.45 -20.55
N THR B 23 -12.46 14.37 -19.23
CA THR B 23 -11.29 14.51 -18.37
C THR B 23 -11.13 13.32 -17.45
N CYS B 24 -9.87 12.94 -17.18
CA CYS B 24 -9.54 11.96 -16.15
C CYS B 24 -8.51 12.60 -15.23
N ARG B 25 -8.83 12.68 -13.94
CA ARG B 25 -7.92 13.26 -12.95
C ARG B 25 -7.38 12.15 -12.06
N ALA B 26 -6.06 12.14 -11.87
CA ALA B 26 -5.39 11.18 -10.99
C ALA B 26 -5.13 11.82 -9.63
N SER B 27 -5.26 11.03 -8.56
CA SER B 27 -5.06 11.56 -7.21
C SER B 27 -3.60 11.88 -6.89
N GLN B 28 -2.65 11.38 -7.69
CA GLN B 28 -1.26 11.79 -7.62
C GLN B 28 -0.67 11.72 -9.03
N GLY B 29 0.49 12.34 -9.21
CA GLY B 29 1.14 12.37 -10.52
C GLY B 29 1.51 11.00 -11.04
N ILE B 30 1.05 10.66 -12.26
CA ILE B 30 1.25 9.33 -12.84
C ILE B 30 1.91 9.38 -14.21
N SER B 31 2.71 10.43 -14.36
CA SER B 31 3.46 10.71 -15.59
C SER B 31 2.49 10.68 -16.76
N THR B 32 2.67 9.72 -17.64
CA THR B 32 1.84 9.52 -18.83
C THR B 32 1.20 8.14 -18.83
N TYR B 33 1.05 7.52 -17.65
CA TYR B 33 0.62 6.14 -17.53
C TYR B 33 -0.91 6.02 -17.55
N LEU B 34 -1.51 6.45 -18.66
CA LEU B 34 -2.97 6.43 -18.77
C LEU B 34 -3.41 5.88 -20.13
N ALA B 35 -4.43 5.04 -20.11
CA ALA B 35 -5.06 4.54 -21.32
C ALA B 35 -6.53 4.92 -21.30
N TRP B 36 -7.09 5.11 -22.49
CA TRP B 36 -8.52 5.40 -22.67
C TRP B 36 -9.18 4.25 -23.42
N TYR B 37 -10.39 3.89 -22.99
CA TYR B 37 -11.17 2.81 -23.59
C TYR B 37 -12.55 3.33 -23.95
N GLN B 38 -13.11 2.76 -25.03
CA GLN B 38 -14.47 3.06 -25.44
C GLN B 38 -15.30 1.79 -25.25
N GLN B 39 -16.47 1.94 -24.63
CA GLN B 39 -17.37 0.80 -24.49
C GLN B 39 -18.74 1.20 -25.03
N LYS B 40 -19.06 0.68 -26.21
CA LYS B 40 -20.34 0.76 -26.88
C LYS B 40 -21.34 -0.18 -26.22
N PRO B 41 -22.64 0.15 -26.27
CA PRO B 41 -23.63 -0.68 -25.57
C PRO B 41 -23.55 -2.13 -25.99
N GLY B 42 -23.57 -3.02 -25.00
CA GLY B 42 -23.56 -4.45 -25.26
C GLY B 42 -22.25 -5.01 -25.77
N ARG B 43 -21.16 -4.27 -25.61
CA ARG B 43 -19.87 -4.70 -26.14
C ARG B 43 -18.81 -4.61 -25.06
N ALA B 44 -17.72 -5.34 -25.30
CA ALA B 44 -16.54 -5.25 -24.47
C ALA B 44 -15.82 -3.91 -24.70
N PRO B 45 -15.03 -3.47 -23.73
CA PRO B 45 -14.22 -2.25 -23.93
C PRO B 45 -13.27 -2.41 -25.09
N LYS B 46 -12.94 -1.27 -25.70
CA LYS B 46 -12.03 -1.21 -26.83
C LYS B 46 -10.95 -0.17 -26.53
N LEU B 47 -9.69 -0.57 -26.68
CA LEU B 47 -8.57 0.31 -26.41
C LEU B 47 -8.47 1.40 -27.48
N LEU B 48 -8.47 2.66 -27.04
CA LEU B 48 -8.34 3.81 -27.94
C LEU B 48 -6.95 4.45 -27.90
N ILE B 49 -6.41 4.68 -26.71
CA ILE B 49 -5.20 5.45 -26.51
C ILE B 49 -4.45 4.82 -25.36
N TYR B 50 -3.12 4.77 -25.46
CA TYR B 50 -2.28 4.38 -24.35
C TYR B 50 -1.15 5.40 -24.24
N ALA B 51 -0.42 5.34 -23.10
CA ALA B 51 0.65 6.28 -22.79
C ALA B 51 0.16 7.72 -22.95
N ALA B 52 -1.11 7.93 -22.57
CA ALA B 52 -1.82 9.20 -22.51
C ALA B 52 -2.13 9.81 -23.87
N SER B 53 -1.35 9.53 -24.91
CA SER B 53 -1.57 10.23 -26.16
C SER B 53 -1.34 9.41 -27.42
N THR B 54 -0.91 8.15 -27.32
CA THR B 54 -0.67 7.34 -28.51
C THR B 54 -1.94 6.59 -28.89
N LEU B 55 -2.42 6.83 -30.13
CA LEU B 55 -3.59 6.12 -30.64
C LEU B 55 -3.29 4.65 -30.84
N GLN B 56 -4.21 3.80 -30.40
CA GLN B 56 -4.14 2.39 -30.76
C GLN B 56 -4.29 2.25 -32.27
N SER B 57 -3.57 1.28 -32.85
CA SER B 57 -3.63 1.04 -34.28
C SER B 57 -5.07 0.89 -34.74
N GLY B 58 -5.42 1.56 -35.84
CA GLY B 58 -6.75 1.47 -36.42
C GLY B 58 -7.79 2.43 -35.84
N VAL B 59 -7.45 3.13 -34.77
CA VAL B 59 -8.40 4.05 -34.12
C VAL B 59 -8.48 5.34 -34.93
N PRO B 60 -9.67 5.85 -35.24
CA PRO B 60 -9.78 7.04 -36.10
C PRO B 60 -9.10 8.26 -35.49
N SER B 61 -8.62 9.16 -36.36
CA SER B 61 -7.82 10.30 -35.92
C SER B 61 -8.64 11.39 -35.25
N ARG B 62 -9.98 11.34 -35.29
CA ARG B 62 -10.75 12.31 -34.54
C ARG B 62 -10.55 12.16 -33.03
N PHE B 63 -10.08 10.99 -32.57
CA PHE B 63 -9.76 10.78 -31.16
C PHE B 63 -8.35 11.27 -30.89
N SER B 64 -8.17 12.03 -29.81
CA SER B 64 -6.81 12.31 -29.37
C SER B 64 -6.78 12.45 -27.85
N GLY B 65 -5.65 12.11 -27.28
CA GLY B 65 -5.46 12.20 -25.84
C GLY B 65 -4.31 13.13 -25.52
N SER B 66 -4.38 13.77 -24.36
CA SER B 66 -3.29 14.61 -23.90
C SER B 66 -3.24 14.65 -22.39
N GLY B 67 -2.21 15.29 -21.86
CA GLY B 67 -2.05 15.48 -20.44
C GLY B 67 -0.92 14.65 -19.87
N SER B 68 -0.63 14.93 -18.61
CA SER B 68 0.50 14.34 -17.92
C SER B 68 0.33 14.65 -16.45
N GLY B 69 0.84 13.79 -15.58
CA GLY B 69 0.78 14.10 -14.17
C GLY B 69 -0.54 13.73 -13.53
N THR B 70 -1.41 14.71 -13.26
CA THR B 70 -2.69 14.44 -12.62
C THR B 70 -3.89 14.74 -13.52
N GLU B 71 -3.70 15.37 -14.67
CA GLU B 71 -4.83 15.86 -15.48
C GLU B 71 -4.75 15.31 -16.89
N PHE B 72 -5.74 14.52 -17.30
CA PHE B 72 -5.72 13.92 -18.62
C PHE B 72 -7.03 14.19 -19.34
N THR B 73 -6.95 14.38 -20.67
CA THR B 73 -8.13 14.62 -21.48
C THR B 73 -8.14 13.72 -22.71
N LEU B 74 -9.35 13.29 -23.07
CA LEU B 74 -9.65 12.68 -24.36
C LEU B 74 -10.54 13.64 -25.13
N THR B 75 -10.17 13.94 -26.37
CA THR B 75 -10.92 14.86 -27.21
C THR B 75 -11.41 14.12 -28.45
N ILE B 76 -12.67 14.36 -28.79
CA ILE B 76 -13.22 13.89 -30.05
C ILE B 76 -13.55 15.13 -30.87
N SER B 77 -12.86 15.30 -32.00
CA SER B 77 -12.93 16.57 -32.72
C SER B 77 -14.30 16.78 -33.36
N SER B 78 -14.93 15.71 -33.85
CA SER B 78 -16.25 15.82 -34.42
C SER B 78 -16.97 14.52 -34.15
N LEU B 79 -17.99 14.60 -33.31
CA LEU B 79 -18.58 13.40 -32.74
C LEU B 79 -19.41 12.70 -33.82
N GLN B 80 -19.17 11.38 -34.00
CA GLN B 80 -19.97 10.53 -34.88
C GLN B 80 -21.00 9.75 -34.08
N PRO B 81 -22.09 9.28 -34.72
CA PRO B 81 -23.14 8.56 -33.97
C PRO B 81 -22.63 7.36 -33.20
N GLU B 82 -21.64 6.62 -33.72
CA GLU B 82 -21.11 5.47 -33.00
C GLU B 82 -20.25 5.88 -31.80
N ASP B 83 -19.91 7.17 -31.67
CA ASP B 83 -19.08 7.64 -30.57
C ASP B 83 -19.87 7.82 -29.29
N PHE B 84 -21.19 7.79 -29.34
CA PHE B 84 -21.97 7.85 -28.10
C PHE B 84 -21.81 6.53 -27.39
N ALA B 85 -21.17 6.56 -26.24
CA ALA B 85 -20.73 5.37 -25.55
C ALA B 85 -20.23 5.83 -24.19
N THR B 86 -19.75 4.88 -23.40
CA THR B 86 -19.11 5.20 -22.12
C THR B 86 -17.61 5.04 -22.28
N TYR B 87 -16.85 6.02 -21.82
CA TYR B 87 -15.40 6.01 -21.89
C TYR B 87 -14.80 5.80 -20.50
N TYR B 88 -13.78 4.93 -20.43
CA TYR B 88 -13.06 4.63 -19.20
C TYR B 88 -11.57 4.92 -19.36
N CYS B 89 -10.97 5.52 -18.32
CA CYS B 89 -9.52 5.67 -18.27
C CYS B 89 -8.95 4.57 -17.37
N GLN B 90 -7.69 4.21 -17.61
CA GLN B 90 -7.02 3.13 -16.87
C GLN B 90 -5.59 3.53 -16.55
N LEU B 91 -5.19 3.31 -15.30
CA LEU B 91 -3.79 3.48 -14.92
C LEU B 91 -2.95 2.36 -15.49
N LEU B 92 -1.85 2.72 -16.15
CA LEU B 92 -0.97 1.76 -16.78
C LEU B 92 0.22 1.44 -15.89
N ASN B 93 0.83 0.29 -16.13
CA ASN B 93 2.13 -0.11 -15.58
C ASN B 93 2.07 -0.54 -14.12
N SER B 94 0.87 -0.68 -13.57
CA SER B 94 0.70 -1.04 -12.14
C SER B 94 -0.33 -2.15 -12.06
N TYR B 95 -0.05 -3.26 -11.37
CA TYR B 95 -1.03 -4.39 -11.47
C TYR B 95 -2.30 -4.20 -10.64
N PRO B 96 -2.29 -3.58 -9.44
CA PRO B 96 -3.55 -3.25 -8.76
C PRO B 96 -4.11 -2.33 -9.85
N VAL B 97 -4.76 -2.89 -10.88
CA VAL B 97 -5.16 -2.06 -12.05
C VAL B 97 -6.34 -1.17 -11.65
N HIS B 98 -6.18 0.14 -11.78
CA HIS B 98 -7.26 1.05 -11.41
C HIS B 98 -7.89 1.63 -12.66
N PHE B 99 -9.21 1.67 -12.67
CA PHE B 99 -9.99 2.31 -13.71
C PHE B 99 -10.68 3.53 -13.11
N GLY B 100 -10.95 4.53 -13.96
CA GLY B 100 -11.98 5.48 -13.62
C GLY B 100 -13.36 4.82 -13.70
N GLN B 101 -14.37 5.54 -13.23
CA GLN B 101 -15.73 5.02 -13.21
C GLN B 101 -16.56 5.51 -14.38
N GLY B 102 -15.95 6.13 -15.37
CA GLY B 102 -16.70 6.26 -16.62
C GLY B 102 -17.19 7.68 -16.88
N THR B 103 -17.26 8.02 -18.17
CA THR B 103 -17.99 9.17 -18.68
C THR B 103 -18.92 8.67 -19.78
N LYS B 104 -20.22 8.93 -19.66
CA LYS B 104 -21.17 8.52 -20.68
C LYS B 104 -21.50 9.71 -21.59
N LEU B 105 -21.31 9.54 -22.89
CA LEU B 105 -21.77 10.52 -23.87
C LEU B 105 -23.12 10.09 -24.42
N GLU B 106 -24.10 10.97 -24.34
CA GLU B 106 -25.47 10.73 -24.79
C GLU B 106 -25.82 11.74 -25.88
N ILE B 107 -26.72 11.32 -26.78
CA ILE B 107 -27.18 12.22 -27.84
C ILE B 107 -28.10 13.29 -27.25
N LYS B 108 -27.96 14.53 -27.71
CA LYS B 108 -28.69 15.65 -27.11
C LYS B 108 -30.09 15.83 -27.72
N THR C 1 43.85 -1.31 6.09
CA THR C 1 43.87 0.12 6.36
C THR C 1 43.15 0.93 5.28
N ASN C 2 43.05 0.36 4.08
CA ASN C 2 42.40 1.02 2.97
C ASN C 2 40.89 0.80 3.04
N LEU C 3 40.13 1.89 3.06
CA LEU C 3 38.67 1.78 3.13
C LEU C 3 38.13 1.17 1.84
N CYS C 4 37.03 0.44 1.98
CA CYS C 4 36.37 -0.12 0.80
C CYS C 4 35.80 1.00 -0.06
N PRO C 5 35.96 0.92 -1.38
CA PRO C 5 35.50 2.02 -2.25
C PRO C 5 33.99 2.07 -2.41
N PHE C 6 33.28 2.37 -1.32
CA PHE C 6 31.83 2.49 -1.38
C PHE C 6 31.38 3.76 -2.10
N GLY C 7 32.21 4.81 -2.07
CA GLY C 7 31.84 6.07 -2.68
C GLY C 7 31.69 5.97 -4.18
N GLU C 8 32.51 5.15 -4.82
CA GLU C 8 32.38 4.89 -6.24
C GLU C 8 30.97 4.43 -6.58
N VAL C 9 30.44 3.47 -5.81
CA VAL C 9 29.13 2.92 -6.09
C VAL C 9 28.03 3.91 -5.73
N PHE C 10 28.02 4.38 -4.47
CA PHE C 10 26.89 5.16 -3.96
C PHE C 10 26.80 6.52 -4.61
N ASN C 11 27.94 7.12 -4.91
CA ASN C 11 28.00 8.57 -5.06
C ASN C 11 28.25 8.92 -6.52
N ALA C 12 28.17 7.91 -7.39
CA ALA C 12 28.39 8.03 -8.83
C ALA C 12 27.30 8.85 -9.53
N THR C 13 27.69 9.52 -10.61
CA THR C 13 26.81 10.49 -11.27
C THR C 13 25.57 9.83 -11.86
N ARG C 14 25.76 8.80 -12.68
CA ARG C 14 24.65 8.13 -13.34
C ARG C 14 24.55 6.69 -12.87
N PHE C 15 23.32 6.21 -12.68
CA PHE C 15 23.10 4.80 -12.37
C PHE C 15 22.65 4.02 -13.59
N ALA C 16 22.83 2.72 -13.49
CA ALA C 16 22.34 1.79 -14.50
C ALA C 16 20.82 1.72 -14.48
N SER C 17 20.25 1.41 -15.64
CA SER C 17 18.89 0.90 -15.71
C SER C 17 18.80 -0.45 -15.02
N VAL C 18 17.66 -0.71 -14.39
CA VAL C 18 17.54 -1.91 -13.55
C VAL C 18 17.73 -3.19 -14.37
N TYR C 19 17.25 -3.22 -15.62
CA TYR C 19 17.43 -4.46 -16.39
C TYR C 19 18.90 -4.76 -16.65
N ALA C 20 19.73 -3.73 -16.68
CA ALA C 20 21.17 -3.84 -16.92
C ALA C 20 21.98 -3.41 -15.71
N TRP C 21 21.56 -3.87 -14.52
CA TRP C 21 22.11 -3.40 -13.26
C TRP C 21 23.62 -3.62 -13.17
N ASN C 22 24.31 -2.62 -12.60
CA ASN C 22 25.76 -2.72 -12.43
C ASN C 22 26.11 -3.53 -11.19
N ARG C 23 27.26 -4.20 -11.24
CA ARG C 23 27.81 -4.89 -10.09
C ARG C 23 29.26 -4.47 -9.91
N LYS C 24 29.63 -4.13 -8.68
CA LYS C 24 31.02 -3.90 -8.34
C LYS C 24 31.42 -4.89 -7.26
N ARG C 25 32.55 -5.54 -7.44
CA ARG C 25 33.07 -6.43 -6.41
C ARG C 25 33.89 -5.61 -5.44
N ILE C 26 33.73 -5.88 -4.15
CA ILE C 26 34.49 -5.19 -3.12
C ILE C 26 35.16 -6.23 -2.24
N SER C 27 36.48 -6.13 -2.13
CA SER C 27 37.27 -7.10 -1.38
C SER C 27 38.59 -6.44 -0.99
N ASN C 28 39.31 -7.09 -0.07
CA ASN C 28 40.63 -6.64 0.38
C ASN C 28 40.58 -5.20 0.91
N CYS C 29 39.68 -4.94 1.86
CA CYS C 29 39.52 -3.57 2.32
C CYS C 29 38.73 -3.55 3.62
N VAL C 30 38.69 -2.36 4.24
CA VAL C 30 38.03 -2.13 5.51
C VAL C 30 36.68 -1.50 5.24
N ALA C 31 35.61 -2.21 5.64
CA ALA C 31 34.23 -1.78 5.37
C ALA C 31 33.72 -0.99 6.57
N ASP C 32 33.88 0.32 6.51
CA ASP C 32 33.30 1.20 7.51
C ASP C 32 31.90 1.56 7.02
N TYR C 33 30.89 0.86 7.54
CA TYR C 33 29.52 1.24 7.21
C TYR C 33 29.13 2.54 7.87
N SER C 34 29.93 3.04 8.81
CA SER C 34 29.66 4.33 9.44
C SER C 34 29.88 5.48 8.48
N VAL C 35 30.89 5.40 7.61
CA VAL C 35 31.08 6.43 6.60
C VAL C 35 29.95 6.41 5.59
N LEU C 36 29.15 5.34 5.59
CA LEU C 36 28.04 5.18 4.66
C LEU C 36 26.81 5.97 5.12
N TYR C 37 26.41 5.80 6.39
CA TYR C 37 25.23 6.49 6.88
C TYR C 37 25.48 8.00 6.99
N ASN C 38 26.63 8.40 7.55
CA ASN C 38 26.85 9.79 7.92
C ASN C 38 26.90 10.72 6.72
N SER C 39 27.54 10.28 5.64
CA SER C 39 27.65 11.09 4.43
C SER C 39 26.66 10.58 3.39
N ALA C 40 26.44 11.42 2.38
CA ALA C 40 25.66 11.06 1.19
C ALA C 40 24.28 10.52 1.60
N SER C 41 23.45 11.44 2.12
CA SER C 41 22.27 11.10 2.90
C SER C 41 21.55 9.91 2.29
N PHE C 42 21.80 8.71 2.85
CA PHE C 42 21.34 7.43 2.22
C PHE C 42 20.04 6.95 2.83
N SER C 43 19.11 7.86 2.96
CA SER C 43 17.81 7.57 3.58
C SER C 43 17.56 6.14 4.05
N THR C 44 17.41 5.18 3.14
CA THR C 44 16.84 3.87 3.49
C THR C 44 17.86 2.75 3.44
N PHE C 45 17.85 1.87 4.47
CA PHE C 45 18.95 0.93 4.71
C PHE C 45 18.41 -0.27 5.48
N LYS C 46 18.11 -1.38 4.79
CA LYS C 46 17.51 -2.54 5.43
C LYS C 46 18.30 -3.81 5.14
N CYS C 47 18.55 -4.62 6.17
CA CYS C 47 19.41 -5.79 6.05
C CYS C 47 18.61 -7.08 6.26
N TYR C 48 19.08 -8.14 5.63
CA TYR C 48 18.44 -9.44 5.65
C TYR C 48 19.50 -10.49 6.00
N GLY C 49 19.10 -11.49 6.79
CA GLY C 49 20.00 -12.55 7.18
C GLY C 49 21.13 -12.11 8.09
N VAL C 50 21.15 -10.86 8.50
CA VAL C 50 22.19 -10.34 9.38
C VAL C 50 21.65 -9.06 9.97
N SER C 51 22.02 -8.78 11.21
CA SER C 51 21.59 -7.54 11.84
C SER C 51 22.57 -6.42 11.53
N PRO C 52 22.10 -5.20 11.28
CA PRO C 52 23.03 -4.08 11.15
C PRO C 52 23.91 -3.91 12.37
N THR C 53 23.37 -4.21 13.57
CA THR C 53 24.14 -4.08 14.81
C THR C 53 25.34 -5.03 14.85
N LYS C 54 25.34 -6.07 14.02
CA LYS C 54 26.41 -7.05 14.01
C LYS C 54 27.47 -6.74 12.96
N LEU C 55 27.20 -5.77 12.08
CA LEU C 55 27.99 -5.59 10.86
C LEU C 55 29.46 -5.31 11.15
N ASN C 56 29.73 -4.46 12.14
CA ASN C 56 31.10 -4.08 12.44
C ASN C 56 31.87 -5.22 13.11
N ASP C 57 31.19 -6.29 13.49
CA ASP C 57 31.78 -7.48 14.09
C ASP C 57 32.06 -8.59 13.09
N LEU C 58 31.71 -8.41 11.82
CA LEU C 58 31.72 -9.50 10.84
C LEU C 58 32.69 -9.25 9.69
N CYS C 59 33.23 -10.35 9.18
CA CYS C 59 34.13 -10.37 8.03
C CYS C 59 33.54 -11.25 6.94
N PHE C 60 33.79 -10.87 5.69
CA PHE C 60 33.26 -11.59 4.54
C PHE C 60 34.35 -11.80 3.49
N THR C 61 34.19 -12.87 2.71
CA THR C 61 35.10 -13.13 1.59
C THR C 61 35.02 -12.00 0.57
N ASN C 62 33.81 -11.68 0.11
CA ASN C 62 33.58 -10.62 -0.85
C ASN C 62 32.29 -9.90 -0.52
N VAL C 63 32.24 -8.61 -0.83
CA VAL C 63 31.01 -7.84 -0.87
C VAL C 63 30.75 -7.45 -2.31
N TYR C 64 29.56 -7.76 -2.81
CA TYR C 64 29.08 -7.28 -4.10
C TYR C 64 28.12 -6.11 -3.90
N ALA C 65 28.31 -5.04 -4.68
CA ALA C 65 27.46 -3.87 -4.66
C ALA C 65 26.76 -3.74 -6.02
N ASP C 66 25.46 -4.00 -6.04
CA ASP C 66 24.64 -3.87 -7.24
C ASP C 66 23.85 -2.58 -7.16
N SER C 67 23.76 -1.85 -8.28
CA SER C 67 23.09 -0.55 -8.27
C SER C 67 22.29 -0.34 -9.54
N PHE C 68 21.21 0.42 -9.41
CA PHE C 68 20.25 0.65 -10.48
C PHE C 68 19.21 1.65 -9.98
N VAL C 69 18.34 2.06 -10.90
CA VAL C 69 17.24 2.98 -10.61
C VAL C 69 15.94 2.26 -10.87
N ILE C 70 14.99 2.37 -9.92
CA ILE C 70 13.64 1.89 -10.10
C ILE C 70 12.69 2.93 -9.53
N ARG C 71 11.42 2.59 -9.57
CA ARG C 71 10.32 3.44 -9.15
C ARG C 71 10.11 3.21 -7.65
N GLY C 72 9.70 4.27 -6.94
CA GLY C 72 9.59 4.17 -5.48
C GLY C 72 8.74 3.02 -5.01
N ASP C 73 7.57 2.84 -5.63
CA ASP C 73 6.72 1.72 -5.20
C ASP C 73 7.22 0.36 -5.72
N GLU C 74 8.38 0.33 -6.38
CA GLU C 74 9.01 -0.95 -6.74
C GLU C 74 10.15 -1.33 -5.79
N VAL C 75 10.59 -0.42 -4.91
CA VAL C 75 11.69 -0.74 -3.99
C VAL C 75 11.34 -1.94 -3.12
N ARG C 76 10.06 -2.11 -2.78
CA ARG C 76 9.63 -3.28 -2.01
C ARG C 76 9.90 -4.59 -2.73
N GLN C 77 10.09 -4.57 -4.05
CA GLN C 77 10.43 -5.83 -4.72
C GLN C 77 11.90 -6.18 -4.58
N ILE C 78 12.74 -5.26 -4.14
CA ILE C 78 14.17 -5.57 -3.93
C ILE C 78 14.28 -6.13 -2.51
N ALA C 79 13.90 -7.39 -2.38
CA ALA C 79 13.87 -8.08 -1.09
C ALA C 79 13.62 -9.57 -1.34
N PRO C 80 14.03 -10.43 -0.40
CA PRO C 80 13.75 -11.86 -0.53
C PRO C 80 12.26 -12.14 -0.65
N GLY C 81 11.92 -13.12 -1.50
CA GLY C 81 10.57 -13.65 -1.56
C GLY C 81 9.54 -12.81 -2.27
N GLN C 82 9.94 -11.84 -3.09
CA GLN C 82 8.99 -10.94 -3.74
C GLN C 82 8.71 -11.38 -5.17
N THR C 83 7.56 -10.98 -5.67
CA THR C 83 7.21 -11.15 -7.08
C THR C 83 6.78 -9.81 -7.66
N GLY C 84 6.69 -9.78 -8.98
CA GLY C 84 6.38 -8.56 -9.70
C GLY C 84 7.37 -8.33 -10.81
N LYS C 85 7.14 -7.25 -11.54
CA LYS C 85 7.85 -7.04 -12.79
C LYS C 85 9.35 -6.89 -12.55
N ILE C 86 9.74 -6.19 -11.48
CA ILE C 86 11.15 -6.01 -11.18
C ILE C 86 11.77 -7.32 -10.69
N ALA C 87 11.19 -7.93 -9.66
CA ALA C 87 11.77 -9.16 -9.11
C ALA C 87 11.72 -10.30 -10.11
N ASP C 88 10.65 -10.40 -10.91
CA ASP C 88 10.54 -11.53 -11.84
C ASP C 88 11.45 -11.35 -13.06
N TYR C 89 11.59 -10.13 -13.57
CA TYR C 89 12.20 -9.95 -14.88
C TYR C 89 13.41 -9.04 -14.92
N ASN C 90 13.75 -8.36 -13.82
CA ASN C 90 14.84 -7.39 -13.87
C ASN C 90 15.94 -7.67 -12.86
N TYR C 91 15.60 -7.81 -11.57
CA TYR C 91 16.60 -8.03 -10.54
C TYR C 91 15.96 -8.87 -9.44
N LYS C 92 16.47 -10.09 -9.24
CA LYS C 92 15.91 -11.06 -8.32
C LYS C 92 16.86 -11.32 -7.16
N LEU C 93 16.36 -11.13 -5.89
CA LEU C 93 17.14 -11.54 -4.72
C LEU C 93 16.76 -12.95 -4.31
N PRO C 94 17.72 -13.73 -3.79
CA PRO C 94 17.41 -15.11 -3.37
C PRO C 94 16.65 -15.12 -2.06
N ASP C 95 15.96 -16.24 -1.82
CA ASP C 95 15.20 -16.40 -0.57
C ASP C 95 16.10 -16.27 0.65
N ASP C 96 17.31 -16.84 0.59
CA ASP C 96 18.24 -16.83 1.70
C ASP C 96 19.22 -15.66 1.66
N PHE C 97 18.78 -14.52 1.14
CA PHE C 97 19.66 -13.38 0.95
C PHE C 97 20.31 -12.94 2.25
N THR C 98 21.62 -12.71 2.21
CA THR C 98 22.38 -12.13 3.30
C THR C 98 23.02 -10.84 2.78
N GLY C 99 22.45 -9.70 3.17
CA GLY C 99 22.99 -8.42 2.78
C GLY C 99 22.04 -7.29 3.15
N CYS C 100 22.27 -6.13 2.57
CA CYS C 100 21.47 -4.96 2.87
C CYS C 100 21.04 -4.26 1.59
N VAL C 101 19.85 -3.68 1.63
CA VAL C 101 19.28 -2.95 0.51
C VAL C 101 19.18 -1.48 0.91
N ILE C 102 19.87 -0.62 0.17
CA ILE C 102 19.95 0.81 0.45
C ILE C 102 19.27 1.57 -0.67
N ALA C 103 18.37 2.48 -0.32
CA ALA C 103 17.60 3.20 -1.33
C ALA C 103 17.45 4.65 -0.90
N TRP C 104 17.43 5.55 -1.89
CA TRP C 104 17.11 6.94 -1.61
C TRP C 104 16.37 7.54 -2.79
N ASN C 105 15.48 8.47 -2.49
CA ASN C 105 14.77 9.20 -3.52
C ASN C 105 15.74 10.03 -4.34
N SER C 106 15.70 9.85 -5.67
CA SER C 106 16.59 10.59 -6.56
C SER C 106 15.81 11.51 -7.50
N ASN C 107 14.64 11.99 -7.07
CA ASN C 107 13.80 12.82 -7.90
C ASN C 107 14.53 14.06 -8.41
N ASN C 108 15.43 14.63 -7.60
CA ASN C 108 16.10 15.87 -7.96
C ASN C 108 17.18 15.65 -9.01
N LEU C 109 17.65 14.42 -9.17
CA LEU C 109 18.69 14.08 -10.15
C LEU C 109 18.16 13.38 -11.38
N ASP C 110 17.09 12.57 -11.24
CA ASP C 110 16.73 11.61 -12.27
C ASP C 110 15.39 11.90 -12.95
N SER C 111 14.58 12.83 -12.44
CA SER C 111 13.39 13.29 -13.13
C SER C 111 13.75 14.53 -13.92
N LYS C 112 13.10 14.70 -15.07
CA LYS C 112 13.22 15.89 -15.90
C LYS C 112 11.82 16.42 -16.18
N VAL C 113 11.68 17.75 -16.23
CA VAL C 113 10.43 18.32 -16.74
C VAL C 113 10.19 17.79 -18.14
N GLY C 114 8.97 17.36 -18.41
CA GLY C 114 8.68 16.71 -19.67
C GLY C 114 9.04 15.25 -19.69
N GLY C 115 9.66 14.75 -18.63
CA GLY C 115 9.95 13.35 -18.50
C GLY C 115 11.37 12.96 -18.83
N ASN C 116 12.02 12.23 -17.93
CA ASN C 116 13.25 11.54 -18.26
C ASN C 116 12.90 10.13 -18.68
N TYR C 117 13.49 9.68 -19.79
CA TYR C 117 13.17 8.38 -20.37
C TYR C 117 14.40 7.51 -20.57
N ASN C 118 15.54 7.88 -20.02
CA ASN C 118 16.74 7.08 -20.17
C ASN C 118 16.78 5.86 -19.25
N TYR C 119 15.94 5.78 -18.21
CA TYR C 119 15.92 4.62 -17.34
C TYR C 119 14.87 3.63 -17.84
N LEU C 120 15.30 2.39 -18.08
CA LEU C 120 14.48 1.35 -18.66
C LEU C 120 14.29 0.21 -17.68
N TYR C 121 13.22 -0.55 -17.90
CA TYR C 121 13.02 -1.83 -17.24
C TYR C 121 12.56 -2.84 -18.29
N ARG C 122 12.82 -4.12 -18.03
CA ARG C 122 12.28 -5.16 -18.89
C ARG C 122 10.83 -5.39 -18.51
N LEU C 123 9.96 -5.32 -19.52
CA LEU C 123 8.52 -5.45 -19.42
C LEU C 123 8.03 -6.84 -19.80
N PHE C 124 8.63 -7.45 -20.82
CA PHE C 124 8.19 -8.75 -21.33
C PHE C 124 9.33 -9.75 -21.21
N ARG C 125 9.03 -10.90 -20.63
CA ARG C 125 9.96 -12.01 -20.53
C ARG C 125 9.12 -13.26 -20.29
N LYS C 126 9.58 -14.38 -20.85
CA LYS C 126 8.80 -15.61 -20.82
C LYS C 126 8.90 -16.33 -19.48
N SER C 127 10.04 -16.19 -18.80
CA SER C 127 10.25 -16.88 -17.53
C SER C 127 11.00 -15.97 -16.57
N ASN C 128 10.92 -16.28 -15.29
CA ASN C 128 11.48 -15.45 -14.25
C ASN C 128 12.99 -15.58 -14.20
N LEU C 129 13.64 -14.50 -13.81
CA LEU C 129 15.06 -14.54 -13.48
C LEU C 129 15.32 -15.40 -12.25
N LYS C 130 16.42 -16.17 -12.32
CA LYS C 130 17.00 -16.77 -11.15
C LYS C 130 17.71 -15.69 -10.31
N PRO C 131 17.98 -15.97 -9.03
CA PRO C 131 18.60 -14.96 -8.16
C PRO C 131 19.92 -14.50 -8.76
N PHE C 132 20.11 -13.18 -8.80
CA PHE C 132 21.30 -12.51 -9.30
C PHE C 132 21.54 -12.74 -10.80
N GLU C 133 20.55 -13.25 -11.53
CA GLU C 133 20.67 -13.34 -12.98
C GLU C 133 20.48 -11.97 -13.62
N ARG C 134 21.19 -11.75 -14.72
CA ARG C 134 21.18 -10.47 -15.42
C ARG C 134 20.90 -10.71 -16.91
N ASP C 135 19.87 -10.06 -17.44
CA ASP C 135 19.45 -10.22 -18.83
C ASP C 135 19.42 -8.83 -19.47
N ILE C 136 20.35 -8.56 -20.39
CA ILE C 136 20.38 -7.28 -21.09
C ILE C 136 19.99 -7.45 -22.57
N SER C 137 19.39 -8.58 -22.95
CA SER C 137 19.03 -8.76 -24.34
C SER C 137 17.89 -7.81 -24.73
N THR C 138 17.86 -7.45 -26.02
CA THR C 138 16.80 -6.60 -26.54
C THR C 138 16.11 -7.24 -27.73
N GLU C 139 15.97 -8.57 -27.71
CA GLU C 139 15.25 -9.29 -28.75
C GLU C 139 13.77 -8.91 -28.77
N ILE C 140 13.23 -8.71 -29.97
CA ILE C 140 11.78 -8.54 -30.11
C ILE C 140 11.08 -9.74 -29.49
N TYR C 141 10.12 -9.48 -28.59
CA TYR C 141 9.50 -10.53 -27.78
C TYR C 141 8.31 -11.14 -28.52
N GLN C 142 8.29 -12.47 -28.62
CA GLN C 142 7.27 -13.19 -29.38
C GLN C 142 6.09 -13.54 -28.47
N ALA C 143 4.98 -12.82 -28.65
CA ALA C 143 3.81 -12.99 -27.81
C ALA C 143 2.81 -13.97 -28.39
N GLY C 144 3.01 -14.42 -29.63
CA GLY C 144 2.18 -15.44 -30.24
C GLY C 144 3.00 -16.55 -30.88
N SER C 145 2.39 -17.28 -31.80
CA SER C 145 3.06 -18.41 -32.45
CA SER C 145 3.06 -18.40 -32.46
C SER C 145 3.93 -17.97 -33.63
N THR C 146 3.68 -16.80 -34.20
CA THR C 146 4.46 -16.33 -35.34
C THR C 146 5.80 -15.77 -34.89
N PRO C 147 6.94 -16.31 -35.34
CA PRO C 147 8.23 -15.72 -34.97
C PRO C 147 8.38 -14.33 -35.54
N CYS C 148 9.09 -13.48 -34.82
CA CYS C 148 9.17 -12.06 -35.13
C CYS C 148 10.27 -11.72 -36.11
N ASN C 149 11.34 -12.52 -36.17
CA ASN C 149 12.48 -12.24 -37.05
C ASN C 149 12.99 -10.82 -36.85
N GLY C 150 12.86 -10.31 -35.62
CA GLY C 150 13.37 -9.00 -35.26
C GLY C 150 12.54 -7.84 -35.70
N VAL C 151 11.31 -8.06 -36.18
CA VAL C 151 10.45 -7.00 -36.66
C VAL C 151 9.38 -6.70 -35.61
N GLU C 152 9.31 -5.46 -35.15
CA GLU C 152 8.25 -5.03 -34.24
C GLU C 152 6.92 -5.01 -34.96
N GLY C 153 5.89 -5.53 -34.30
CA GLY C 153 4.56 -5.54 -34.89
C GLY C 153 3.59 -6.17 -33.90
N PHE C 154 2.41 -6.54 -34.39
CA PHE C 154 1.47 -7.23 -33.52
C PHE C 154 2.10 -8.51 -32.98
N ASN C 155 1.97 -8.72 -31.67
CA ASN C 155 2.53 -9.87 -30.96
C ASN C 155 4.06 -9.91 -31.03
N CYS C 156 4.70 -8.82 -31.38
CA CYS C 156 6.16 -8.77 -31.56
C CYS C 156 6.60 -7.42 -30.99
N TYR C 157 7.00 -7.41 -29.73
CA TYR C 157 7.19 -6.18 -28.96
C TYR C 157 8.63 -6.00 -28.50
N PHE C 158 9.12 -4.78 -28.59
CA PHE C 158 10.36 -4.45 -27.93
C PHE C 158 10.20 -4.78 -26.44
N PRO C 159 11.15 -5.49 -25.82
CA PRO C 159 10.92 -6.03 -24.48
C PRO C 159 11.18 -5.07 -23.32
N LEU C 160 11.79 -3.92 -23.58
CA LEU C 160 12.03 -2.91 -22.56
C LEU C 160 11.07 -1.74 -22.76
N GLN C 161 10.81 -1.03 -21.68
CA GLN C 161 10.09 0.21 -21.82
C GLN C 161 10.63 1.18 -20.79
N SER C 162 10.26 2.42 -20.94
CA SER C 162 10.95 3.52 -20.30
C SER C 162 10.13 3.96 -19.09
N TYR C 163 10.83 4.24 -17.98
CA TYR C 163 10.18 4.89 -16.85
C TYR C 163 9.80 6.31 -17.22
N GLY C 164 8.63 6.73 -16.80
CA GLY C 164 8.32 8.14 -16.93
C GLY C 164 8.62 8.89 -15.63
N PHE C 165 9.80 9.53 -15.54
CA PHE C 165 10.23 10.24 -14.33
C PHE C 165 10.06 11.74 -14.58
N GLN C 166 8.99 12.30 -14.04
CA GLN C 166 8.74 13.73 -14.02
C GLN C 166 8.71 14.22 -12.58
N PRO C 167 9.21 15.43 -12.31
CA PRO C 167 9.25 15.90 -10.92
C PRO C 167 7.88 15.96 -10.25
N THR C 168 6.81 16.06 -11.03
CA THR C 168 5.46 16.11 -10.46
C THR C 168 4.88 14.73 -10.19
N ASN C 169 5.65 13.65 -10.40
CA ASN C 169 5.17 12.32 -10.06
C ASN C 169 4.86 12.20 -8.58
N GLY C 170 3.83 11.42 -8.26
CA GLY C 170 3.68 10.96 -6.89
C GLY C 170 4.91 10.19 -6.46
N VAL C 171 5.17 10.19 -5.14
CA VAL C 171 6.49 9.75 -4.67
C VAL C 171 6.70 8.28 -5.00
N GLY C 172 5.63 7.48 -5.01
CA GLY C 172 5.73 6.10 -5.48
C GLY C 172 6.15 5.96 -6.94
N TYR C 173 6.00 7.02 -7.73
CA TYR C 173 6.35 7.01 -9.15
C TYR C 173 7.62 7.78 -9.43
N GLN C 174 8.27 8.29 -8.40
CA GLN C 174 9.51 9.00 -8.54
C GLN C 174 10.68 8.02 -8.56
N PRO C 175 11.81 8.42 -9.14
CA PRO C 175 12.95 7.50 -9.22
C PRO C 175 13.62 7.32 -7.87
N TYR C 176 14.04 6.09 -7.59
CA TYR C 176 14.84 5.76 -6.41
C TYR C 176 16.12 5.09 -6.88
N ARG C 177 17.25 5.59 -6.40
CA ARG C 177 18.53 4.91 -6.59
C ARG C 177 18.69 3.85 -5.54
N VAL C 178 19.09 2.66 -5.96
CA VAL C 178 19.16 1.50 -5.09
C VAL C 178 20.57 0.92 -5.19
N VAL C 179 21.14 0.59 -4.04
CA VAL C 179 22.38 -0.18 -3.95
C VAL C 179 22.10 -1.40 -3.10
N VAL C 180 22.40 -2.57 -3.65
CA VAL C 180 22.24 -3.84 -2.94
C VAL C 180 23.63 -4.38 -2.62
N LEU C 181 23.91 -4.52 -1.33
CA LEU C 181 25.16 -5.10 -0.84
C LEU C 181 24.90 -6.57 -0.54
N SER C 182 25.61 -7.45 -1.23
CA SER C 182 25.60 -8.88 -0.95
C SER C 182 26.82 -9.26 -0.14
N PHE C 183 26.61 -10.02 0.94
CA PHE C 183 27.69 -10.45 1.82
C PHE C 183 27.98 -11.93 1.52
N GLU C 184 29.12 -12.18 0.87
CA GLU C 184 29.48 -13.54 0.46
C GLU C 184 30.49 -14.13 1.44
N LEU C 185 30.20 -15.31 1.95
CA LEU C 185 31.13 -16.03 2.82
C LEU C 185 31.44 -17.36 2.15
N LEU C 186 32.58 -17.40 1.47
CA LEU C 186 33.02 -18.61 0.80
C LEU C 186 33.97 -19.39 1.71
N HIS C 187 34.24 -20.64 1.31
CA HIS C 187 35.22 -21.47 2.01
C HIS C 187 36.62 -21.00 1.58
N ALA C 188 37.00 -19.85 2.13
CA ALA C 188 38.18 -19.10 1.71
C ALA C 188 38.48 -18.02 2.74
N PRO C 189 39.64 -17.37 2.68
CA PRO C 189 39.95 -16.29 3.65
C PRO C 189 39.02 -15.09 3.50
N ALA C 190 38.85 -14.39 4.63
CA ALA C 190 38.01 -13.20 4.67
C ALA C 190 38.84 -11.98 4.31
N THR C 191 38.30 -11.14 3.41
CA THR C 191 39.01 -10.00 2.89
C THR C 191 38.34 -8.66 3.19
N VAL C 192 37.09 -8.65 3.66
CA VAL C 192 36.36 -7.43 3.99
C VAL C 192 35.94 -7.53 5.44
N CYS C 193 36.46 -6.66 6.30
CA CYS C 193 36.14 -6.77 7.72
C CYS C 193 35.51 -5.50 8.29
N GLY C 194 36.16 -4.35 8.13
CA GLY C 194 35.63 -3.11 8.66
C GLY C 194 35.50 -3.02 10.17
N PRO C 195 36.62 -2.93 10.90
CA PRO C 195 36.50 -2.72 12.35
C PRO C 195 35.83 -1.38 12.70
N VAL D 1 0.12 -6.54 36.81
CA VAL D 1 -0.13 -6.63 35.37
C VAL D 1 0.87 -7.59 34.74
N GLN D 2 0.36 -8.67 34.15
CA GLN D 2 1.19 -9.73 33.59
C GLN D 2 0.63 -10.19 32.26
N LEU D 3 1.52 -10.45 31.30
CA LEU D 3 1.21 -11.22 30.10
C LEU D 3 2.10 -12.44 30.11
N VAL D 4 1.52 -13.63 29.93
CA VAL D 4 2.27 -14.87 30.07
C VAL D 4 2.04 -15.75 28.84
N GLU D 5 3.04 -15.86 27.98
CA GLU D 5 2.93 -16.65 26.76
C GLU D 5 3.28 -18.11 27.02
N SER D 6 2.66 -19.00 26.25
CA SER D 6 3.06 -20.40 26.27
C SER D 6 2.74 -21.03 24.93
N GLY D 7 3.18 -22.28 24.78
CA GLY D 7 2.92 -23.05 23.58
C GLY D 7 4.08 -23.12 22.60
N GLY D 8 5.18 -22.45 22.88
CA GLY D 8 6.35 -22.59 22.03
C GLY D 8 6.94 -23.99 22.13
N GLY D 9 7.80 -24.31 21.16
CA GLY D 9 8.41 -25.62 21.17
C GLY D 9 9.09 -25.87 19.84
N LEU D 10 9.56 -27.10 19.68
CA LEU D 10 10.27 -27.53 18.47
C LEU D 10 9.27 -28.04 17.45
N VAL D 11 9.38 -27.55 16.21
CA VAL D 11 8.51 -27.98 15.13
C VAL D 11 9.35 -28.29 13.91
N GLN D 12 8.80 -29.17 13.04
CA GLN D 12 9.30 -29.40 11.69
C GLN D 12 8.67 -28.40 10.74
N PRO D 13 9.37 -28.02 9.67
CA PRO D 13 8.74 -27.15 8.67
C PRO D 13 7.45 -27.80 8.17
N GLY D 14 6.43 -26.97 8.02
CA GLY D 14 5.13 -27.42 7.59
C GLY D 14 4.18 -27.77 8.71
N GLU D 15 4.68 -27.94 9.92
CA GLU D 15 3.77 -28.23 11.01
C GLU D 15 3.09 -26.95 11.51
N SER D 16 2.18 -27.13 12.45
CA SER D 16 1.42 -26.01 12.99
C SER D 16 1.58 -25.96 14.50
N LEU D 17 1.33 -24.78 15.06
CA LEU D 17 1.50 -24.58 16.49
C LEU D 17 0.56 -23.46 16.94
N ARG D 18 0.03 -23.58 18.16
CA ARG D 18 -0.84 -22.56 18.73
C ARG D 18 -0.21 -21.95 19.96
N LEU D 19 0.04 -20.65 19.93
CA LEU D 19 0.52 -19.93 21.10
C LEU D 19 -0.66 -19.36 21.88
N SER D 20 -0.46 -19.24 23.18
CA SER D 20 -1.42 -18.62 24.10
C SER D 20 -0.73 -17.49 24.86
N CYS D 21 -1.52 -16.51 25.26
CA CYS D 21 -1.02 -15.41 26.07
C CYS D 21 -2.07 -15.07 27.13
N ALA D 22 -1.77 -15.41 28.37
CA ALA D 22 -2.71 -15.22 29.46
C ALA D 22 -2.41 -13.89 30.13
N ALA D 23 -3.45 -13.07 30.30
CA ALA D 23 -3.31 -11.73 30.84
C ALA D 23 -3.87 -11.65 32.25
N SER D 24 -3.22 -10.84 33.07
CA SER D 24 -3.78 -10.43 34.35
C SER D 24 -3.52 -8.95 34.50
N GLY D 25 -4.53 -8.21 34.96
CA GLY D 25 -4.33 -6.80 35.21
C GLY D 25 -4.68 -5.90 34.05
N LEU D 26 -5.11 -6.45 32.93
CA LEU D 26 -5.74 -5.72 31.85
C LEU D 26 -6.70 -6.68 31.19
N THR D 27 -7.65 -6.14 30.42
CA THR D 27 -8.69 -6.95 29.78
C THR D 27 -8.36 -7.10 28.31
N VAL D 28 -8.04 -8.33 27.89
CA VAL D 28 -7.58 -8.60 26.52
C VAL D 28 -8.58 -8.07 25.51
N SER D 29 -9.87 -8.38 25.73
CA SER D 29 -10.91 -7.98 24.80
C SER D 29 -11.14 -6.48 24.75
N SER D 30 -10.62 -5.72 25.70
CA SER D 30 -10.76 -4.27 25.71
C SER D 30 -9.57 -3.54 25.09
N ASN D 31 -8.58 -4.26 24.54
CA ASN D 31 -7.34 -3.62 24.11
C ASN D 31 -6.96 -4.03 22.69
N TYR D 32 -6.15 -3.17 22.07
CA TYR D 32 -5.27 -3.62 21.00
C TYR D 32 -4.25 -4.59 21.58
N MET D 33 -4.27 -5.83 21.12
CA MET D 33 -3.38 -6.89 21.56
C MET D 33 -2.59 -7.37 20.35
N SER D 34 -1.26 -7.32 20.45
CA SER D 34 -0.39 -7.69 19.34
C SER D 34 0.53 -8.87 19.69
N TRP D 35 0.99 -9.55 18.65
CA TRP D 35 2.13 -10.46 18.75
C TRP D 35 3.30 -9.81 18.02
N VAL D 36 4.48 -9.80 18.64
CA VAL D 36 5.68 -9.37 17.93
C VAL D 36 6.75 -10.42 18.20
N ARG D 37 7.54 -10.72 17.17
CA ARG D 37 8.48 -11.82 17.27
C ARG D 37 9.89 -11.29 17.02
N GLN D 38 10.87 -12.11 17.41
CA GLN D 38 12.27 -11.73 17.26
C GLN D 38 13.06 -12.98 16.89
N ALA D 39 13.62 -13.00 15.69
CA ALA D 39 14.43 -14.13 15.28
C ALA D 39 15.77 -14.09 16.00
N PRO D 40 16.41 -15.26 16.22
CA PRO D 40 17.68 -15.27 16.94
C PRO D 40 18.68 -14.29 16.33
N GLY D 41 19.09 -13.30 17.11
CA GLY D 41 20.06 -12.33 16.67
C GLY D 41 19.55 -11.18 15.83
N LYS D 42 18.24 -11.06 15.59
CA LYS D 42 17.67 -10.05 14.70
C LYS D 42 16.82 -9.07 15.51
N GLY D 43 16.13 -8.19 14.77
CA GLY D 43 15.31 -7.17 15.38
C GLY D 43 13.88 -7.61 15.61
N LEU D 44 13.07 -6.69 16.13
CA LEU D 44 11.67 -6.94 16.39
C LEU D 44 10.87 -6.90 15.11
N GLU D 45 9.90 -7.79 14.99
CA GLU D 45 9.02 -7.85 13.83
C GLU D 45 7.59 -8.02 14.32
N TRP D 46 6.74 -7.04 14.00
CA TRP D 46 5.33 -7.14 14.36
C TRP D 46 4.66 -8.21 13.50
N VAL D 47 3.75 -8.98 14.11
CA VAL D 47 3.15 -10.14 13.48
C VAL D 47 1.65 -9.95 13.22
N SER D 48 0.89 -9.55 14.24
CA SER D 48 -0.55 -9.50 14.14
C SER D 48 -1.10 -8.64 15.28
N VAL D 49 -2.27 -8.05 15.07
CA VAL D 49 -2.99 -7.34 16.12
C VAL D 49 -4.44 -7.76 16.05
N ILE D 50 -5.11 -7.76 17.20
CA ILE D 50 -6.56 -7.85 17.24
C ILE D 50 -7.09 -6.62 18.00
N TYR D 51 -8.02 -5.91 17.38
CA TYR D 51 -8.67 -4.73 17.95
C TYR D 51 -9.66 -5.13 19.06
N ALA D 52 -9.93 -4.20 19.97
CA ALA D 52 -11.00 -4.45 20.95
C ALA D 52 -12.30 -4.78 20.25
N GLY D 53 -12.61 -4.09 19.15
CA GLY D 53 -13.83 -4.37 18.43
C GLY D 53 -13.81 -5.61 17.56
N GLY D 54 -12.67 -6.30 17.50
CA GLY D 54 -12.58 -7.57 16.82
C GLY D 54 -11.86 -7.57 15.48
N SER D 55 -11.58 -6.41 14.88
CA SER D 55 -10.82 -6.41 13.63
C SER D 55 -9.44 -7.02 13.81
N THR D 56 -8.94 -7.70 12.79
CA THR D 56 -7.60 -8.30 12.86
C THR D 56 -6.76 -7.83 11.69
N PHE D 57 -5.44 -7.77 11.93
CA PHE D 57 -4.49 -7.38 10.88
C PHE D 57 -3.23 -8.22 11.03
N TYR D 58 -2.49 -8.38 9.93
CA TYR D 58 -1.38 -9.33 9.85
C TYR D 58 -0.23 -8.76 9.05
N ALA D 59 1.01 -9.09 9.46
CA ALA D 59 2.15 -8.81 8.60
C ALA D 59 2.01 -9.61 7.31
N ASP D 60 2.46 -9.03 6.20
CA ASP D 60 2.36 -9.71 4.90
C ASP D 60 3.01 -11.09 4.96
N SER D 61 4.11 -11.23 5.72
CA SER D 61 4.84 -12.48 5.74
C SER D 61 4.08 -13.61 6.45
N VAL D 62 2.98 -13.33 7.15
CA VAL D 62 2.22 -14.39 7.82
C VAL D 62 0.76 -14.46 7.36
N LYS D 63 0.35 -13.62 6.40
CA LYS D 63 -1.03 -13.65 5.91
C LYS D 63 -1.37 -15.01 5.33
N GLY D 64 -2.53 -15.55 5.71
CA GLY D 64 -2.96 -16.83 5.21
C GLY D 64 -2.44 -18.01 5.99
N ARG D 65 -1.42 -17.83 6.83
CA ARG D 65 -0.91 -18.90 7.67
C ARG D 65 -1.19 -18.71 9.15
N PHE D 66 -1.24 -17.47 9.64
CA PHE D 66 -1.44 -17.18 11.06
C PHE D 66 -2.85 -16.63 11.28
N THR D 67 -3.44 -16.98 12.41
CA THR D 67 -4.72 -16.41 12.82
C THR D 67 -4.63 -16.01 14.28
N ILE D 68 -5.00 -14.77 14.58
CA ILE D 68 -5.02 -14.27 15.94
C ILE D 68 -6.45 -14.36 16.45
N SER D 69 -6.61 -14.69 17.72
CA SER D 69 -7.94 -14.79 18.30
C SER D 69 -7.82 -14.56 19.80
N ARG D 70 -8.97 -14.52 20.46
CA ARG D 70 -8.98 -14.37 21.90
C ARG D 70 -10.17 -15.14 22.47
N ASP D 71 -10.14 -15.28 23.79
CA ASP D 71 -11.20 -15.95 24.56
C ASP D 71 -11.45 -15.06 25.76
N ASN D 72 -12.59 -14.37 25.77
CA ASN D 72 -12.80 -13.36 26.79
C ASN D 72 -12.94 -13.99 28.17
N SER D 73 -13.62 -15.13 28.25
CA SER D 73 -13.82 -15.79 29.54
C SER D 73 -12.51 -16.26 30.14
N LYS D 74 -11.48 -16.45 29.33
CA LYS D 74 -10.17 -16.83 29.84
C LYS D 74 -9.20 -15.67 29.89
N ASN D 75 -9.60 -14.50 29.41
CA ASN D 75 -8.72 -13.33 29.31
C ASN D 75 -7.41 -13.72 28.64
N THR D 76 -7.51 -14.38 27.50
CA THR D 76 -6.37 -15.01 26.87
C THR D 76 -6.37 -14.71 25.38
N LEU D 77 -5.19 -14.38 24.86
CA LEU D 77 -4.95 -14.16 23.45
C LEU D 77 -4.28 -15.39 22.85
N TYR D 78 -4.54 -15.64 21.56
CA TYR D 78 -3.99 -16.82 20.87
C TYR D 78 -3.39 -16.43 19.52
N LEU D 79 -2.41 -17.23 19.07
CA LEU D 79 -1.87 -17.12 17.72
C LEU D 79 -1.77 -18.53 17.16
N GLN D 80 -2.66 -18.87 16.24
CA GLN D 80 -2.58 -20.13 15.51
C GLN D 80 -1.63 -19.96 14.34
N MET D 81 -0.59 -20.78 14.28
CA MET D 81 0.42 -20.68 13.23
C MET D 81 0.45 -21.98 12.43
N ASN D 82 0.16 -21.88 11.14
CA ASN D 82 0.16 -23.04 10.25
C ASN D 82 1.32 -22.93 9.26
N SER D 83 1.69 -24.08 8.68
CA SER D 83 2.73 -24.14 7.64
C SER D 83 4.00 -23.40 8.07
N LEU D 84 4.49 -23.73 9.25
CA LEU D 84 5.65 -23.02 9.79
C LEU D 84 6.86 -23.23 8.90
N ARG D 85 7.67 -22.19 8.79
CA ARG D 85 8.88 -22.19 7.97
C ARG D 85 10.05 -21.76 8.82
N ALA D 86 11.25 -21.87 8.25
CA ALA D 86 12.46 -21.45 8.95
C ALA D 86 12.36 -20.01 9.43
N GLU D 87 11.74 -19.14 8.63
CA GLU D 87 11.68 -17.73 8.96
C GLU D 87 10.68 -17.39 10.06
N ASP D 88 9.88 -18.36 10.52
CA ASP D 88 9.04 -18.20 11.70
C ASP D 88 9.77 -18.56 12.99
N MET D 89 10.96 -19.13 12.91
CA MET D 89 11.77 -19.39 14.11
C MET D 89 12.04 -18.07 14.83
N ALA D 90 11.63 -17.98 16.10
CA ALA D 90 11.73 -16.71 16.82
C ALA D 90 11.21 -16.89 18.24
N ILE D 91 11.47 -15.89 19.06
CA ILE D 91 10.73 -15.73 20.32
C ILE D 91 9.52 -14.86 20.01
N TYR D 92 8.35 -15.31 20.46
CA TYR D 92 7.08 -14.63 20.17
C TYR D 92 6.60 -13.93 21.45
N TYR D 93 6.52 -12.60 21.39
CA TYR D 93 6.04 -11.80 22.51
C TYR D 93 4.59 -11.37 22.27
N CYS D 94 3.80 -11.48 23.32
CA CYS D 94 2.49 -10.87 23.41
C CYS D 94 2.63 -9.47 24.01
N ALA D 95 1.88 -8.50 23.47
CA ALA D 95 1.99 -7.12 23.95
C ALA D 95 0.65 -6.39 23.90
N ARG D 96 0.40 -5.56 24.91
CA ARG D 96 -0.73 -4.64 24.86
C ARG D 96 -0.30 -3.36 24.15
N ASP D 97 -1.05 -2.96 23.14
CA ASP D 97 -0.71 -1.81 22.31
C ASP D 97 -1.68 -0.69 22.66
N LEU D 98 -1.12 0.47 23.02
CA LEU D 98 -1.90 1.69 23.22
C LEU D 98 -1.85 2.61 22.01
N SER D 99 -1.18 2.16 20.95
CA SER D 99 -1.17 2.64 19.57
C SER D 99 -0.57 4.02 19.36
N TYR D 100 -0.98 4.98 20.17
CA TYR D 100 -0.38 6.31 20.15
C TYR D 100 0.68 6.41 21.23
N TYR D 101 0.45 5.71 22.32
CA TYR D 101 1.33 5.69 23.49
C TYR D 101 2.26 4.49 23.50
N GLY D 102 2.34 3.74 22.39
CA GLY D 102 3.27 2.63 22.29
C GLY D 102 2.74 1.35 22.91
N MET D 103 3.62 0.35 22.98
CA MET D 103 3.32 -0.95 23.59
C MET D 103 3.93 -0.93 24.98
N ASP D 104 3.09 -0.71 26.00
CA ASP D 104 3.62 -0.53 27.34
C ASP D 104 3.76 -1.83 28.10
N VAL D 105 2.96 -2.87 27.81
CA VAL D 105 2.99 -4.12 28.56
C VAL D 105 3.36 -5.26 27.61
N TRP D 106 4.37 -6.05 28.00
CA TRP D 106 4.86 -7.19 27.25
C TRP D 106 5.00 -8.41 28.15
N GLY D 107 4.80 -9.61 27.59
CA GLY D 107 5.25 -10.81 28.27
C GLY D 107 6.71 -11.05 27.97
N GLN D 108 7.23 -12.13 28.51
CA GLN D 108 8.65 -12.41 28.31
C GLN D 108 8.88 -13.39 27.18
N GLY D 109 7.80 -13.80 26.52
CA GLY D 109 7.85 -14.44 25.23
C GLY D 109 8.01 -15.96 25.34
N THR D 110 7.65 -16.65 24.25
CA THR D 110 7.78 -18.11 24.18
C THR D 110 8.55 -18.43 22.90
N THR D 111 9.42 -19.42 22.96
CA THR D 111 10.38 -19.69 21.90
C THR D 111 9.80 -20.70 20.90
N VAL D 112 9.86 -20.37 19.62
CA VAL D 112 9.50 -21.29 18.56
C VAL D 112 10.78 -21.69 17.85
N THR D 113 11.11 -22.97 17.87
CA THR D 113 12.28 -23.49 17.17
C THR D 113 11.83 -24.35 16.00
N VAL D 114 12.34 -24.05 14.81
CA VAL D 114 12.04 -24.81 13.60
C VAL D 114 13.28 -25.63 13.24
N SER D 115 13.15 -26.95 13.24
CA SER D 115 14.31 -27.80 13.01
C SER D 115 14.84 -27.66 11.59
N SER D 116 16.18 -27.65 11.47
CA SER D 116 16.84 -27.42 10.19
C SER D 116 17.05 -28.72 9.41
N ALA D 117 17.77 -29.68 9.99
CA ALA D 117 17.93 -30.99 9.34
C ALA D 117 18.42 -32.01 10.34
N MET E 1 3.99 4.84 -0.14
CA MET E 1 4.66 3.58 0.14
C MET E 1 4.74 3.35 1.64
N ASP E 2 5.29 2.21 2.05
CA ASP E 2 5.61 2.03 3.45
C ASP E 2 6.69 2.99 3.92
N ILE E 3 6.48 3.49 5.13
CA ILE E 3 7.55 4.08 5.90
C ILE E 3 8.58 3.02 6.21
N GLN E 4 9.86 3.36 6.08
CA GLN E 4 10.94 2.58 6.65
C GLN E 4 11.66 3.43 7.68
N LEU E 5 12.06 2.81 8.79
CA LEU E 5 12.82 3.47 9.84
C LEU E 5 14.23 2.94 9.80
N THR E 6 15.20 3.83 9.97
CA THR E 6 16.59 3.41 9.92
C THR E 6 17.33 4.02 11.10
N GLN E 7 18.05 3.15 11.80
CA GLN E 7 18.73 3.56 13.05
C GLN E 7 20.25 3.64 12.86
N PHE E 8 20.85 4.68 13.43
CA PHE E 8 22.32 4.86 13.43
C PHE E 8 22.68 5.52 14.76
N PRO E 9 23.88 5.27 15.31
CA PRO E 9 24.77 4.22 14.82
C PRO E 9 24.25 2.78 14.94
N PHE E 10 24.83 1.85 14.18
CA PHE E 10 24.46 0.42 14.27
C PHE E 10 24.97 -0.13 15.60
N SER E 11 26.22 0.17 15.95
CA SER E 11 26.82 -0.20 17.22
C SER E 11 27.59 1.00 17.74
N LEU E 12 27.59 1.17 19.05
CA LEU E 12 28.25 2.31 19.66
C LEU E 12 28.82 1.86 20.99
N SER E 13 30.10 2.16 21.23
CA SER E 13 30.75 1.93 22.52
C SER E 13 30.83 3.22 23.30
N ALA E 14 30.51 3.14 24.60
CA ALA E 14 30.50 4.34 25.42
C ALA E 14 30.81 3.95 26.85
N SER E 15 31.20 4.93 27.65
CA SER E 15 31.61 4.70 29.02
C SER E 15 30.51 5.15 29.97
N VAL E 16 30.48 4.51 31.15
CA VAL E 16 29.60 4.98 32.21
C VAL E 16 29.82 6.46 32.43
N GLY E 17 28.72 7.21 32.53
CA GLY E 17 28.78 8.65 32.66
C GLY E 17 28.81 9.42 31.35
N ASP E 18 29.03 8.76 30.21
CA ASP E 18 29.04 9.47 28.94
C ASP E 18 27.63 9.96 28.59
N ARG E 19 27.59 10.93 27.69
CA ARG E 19 26.35 11.35 27.06
C ARG E 19 26.30 10.74 25.67
N VAL E 20 25.20 10.06 25.35
CA VAL E 20 25.09 9.41 24.04
C VAL E 20 23.81 9.86 23.37
N THR E 21 23.90 10.08 22.07
CA THR E 21 22.73 10.35 21.25
C THR E 21 22.71 9.33 20.13
N ILE E 22 21.56 8.70 19.91
CA ILE E 22 21.37 7.78 18.80
C ILE E 22 20.19 8.26 18.00
N THR E 23 20.15 7.90 16.72
CA THR E 23 19.18 8.51 15.83
C THR E 23 18.37 7.45 15.11
N CYS E 24 17.16 7.86 14.73
CA CYS E 24 16.24 7.08 13.93
C CYS E 24 15.77 7.98 12.80
N ARG E 25 15.87 7.49 11.57
CA ARG E 25 15.48 8.26 10.40
C ARG E 25 14.29 7.59 9.74
N ALA E 26 13.26 8.38 9.42
CA ALA E 26 12.08 7.88 8.73
C ALA E 26 12.15 8.21 7.24
N SER E 27 11.70 7.29 6.41
CA SER E 27 11.77 7.47 4.96
C SER E 27 10.81 8.55 4.45
N GLN E 28 9.82 8.96 5.24
CA GLN E 28 8.93 10.06 4.93
C GLN E 28 8.51 10.70 6.25
N GLY E 29 7.98 11.94 6.18
CA GLY E 29 7.54 12.64 7.37
C GLY E 29 6.46 11.91 8.15
N ILE E 30 6.71 11.65 9.44
CA ILE E 30 5.81 10.88 10.31
C ILE E 30 5.44 11.63 11.58
N SER E 31 5.45 12.95 11.41
CA SER E 31 5.14 13.93 12.47
C SER E 31 5.98 13.57 13.69
N THR E 32 5.32 13.20 14.76
CA THR E 32 5.94 12.76 16.02
C THR E 32 5.58 11.32 16.37
N TYR E 33 5.26 10.52 15.36
CA TYR E 33 4.72 9.18 15.61
C TYR E 33 5.84 8.17 15.82
N LEU E 34 6.65 8.39 16.86
CA LEU E 34 7.82 7.56 17.08
C LEU E 34 7.94 7.18 18.54
N ALA E 35 8.23 5.90 18.80
CA ALA E 35 8.50 5.41 20.15
C ALA E 35 9.88 4.78 20.18
N TRP E 36 10.48 4.80 21.37
CA TRP E 36 11.79 4.20 21.63
C TRP E 36 11.66 3.11 22.68
N TYR E 37 12.31 1.98 22.42
CA TYR E 37 12.36 0.83 23.30
C TYR E 37 13.79 0.47 23.64
N GLN E 38 13.98 -0.03 24.84
CA GLN E 38 15.24 -0.60 25.29
C GLN E 38 15.07 -2.10 25.43
N GLN E 39 16.03 -2.88 24.93
CA GLN E 39 15.93 -4.33 25.07
C GLN E 39 17.26 -4.91 25.53
N LYS E 40 17.23 -5.63 26.66
CA LYS E 40 18.33 -6.48 27.08
C LYS E 40 18.23 -7.83 26.37
N PRO E 41 19.36 -8.51 26.15
CA PRO E 41 19.33 -9.76 25.39
C PRO E 41 18.36 -10.78 26.00
N GLY E 42 17.46 -11.28 25.16
CA GLY E 42 16.50 -12.28 25.58
C GLY E 42 15.37 -11.79 26.46
N ARG E 43 15.28 -10.48 26.70
CA ARG E 43 14.21 -9.91 27.52
C ARG E 43 13.22 -9.15 26.63
N ALA E 44 11.99 -9.01 27.11
CA ALA E 44 11.02 -8.18 26.40
C ALA E 44 11.55 -6.75 26.28
N PRO E 45 11.29 -6.07 25.16
CA PRO E 45 11.62 -4.63 25.09
C PRO E 45 10.85 -3.87 26.15
N LYS E 46 11.45 -2.77 26.64
CA LYS E 46 10.80 -1.86 27.60
C LYS E 46 10.54 -0.52 26.93
N LEU E 47 9.31 -0.02 27.04
CA LEU E 47 8.96 1.24 26.40
C LEU E 47 9.61 2.40 27.14
N LEU E 48 10.36 3.24 26.42
CA LEU E 48 11.00 4.40 27.02
C LEU E 48 10.30 5.71 26.70
N ILE E 49 9.92 5.91 25.43
CA ILE E 49 9.46 7.19 24.92
C ILE E 49 8.34 6.89 23.93
N TYR E 50 7.25 7.66 24.00
CA TYR E 50 6.25 7.65 22.94
C TYR E 50 5.99 9.09 22.50
N ALA E 51 5.34 9.23 21.33
CA ALA E 51 5.07 10.54 20.72
C ALA E 51 6.34 11.37 20.60
N ALA E 52 7.44 10.67 20.36
CA ALA E 52 8.78 11.16 20.06
C ALA E 52 9.51 11.81 21.24
N SER E 53 8.79 12.32 22.24
CA SER E 53 9.47 12.99 23.35
C SER E 53 8.83 12.79 24.73
N THR E 54 7.70 12.10 24.85
CA THR E 54 7.04 11.91 26.14
C THR E 54 7.64 10.69 26.82
N LEU E 55 8.20 10.90 28.00
CA LEU E 55 8.78 9.81 28.77
C LEU E 55 7.70 8.86 29.27
N GLN E 56 7.90 7.56 29.06
CA GLN E 56 7.00 6.60 29.68
C GLN E 56 7.13 6.66 31.19
N SER E 57 6.02 6.42 31.89
CA SER E 57 5.99 6.52 33.35
C SER E 57 7.01 5.60 33.99
N GLY E 58 7.79 6.15 34.92
CA GLY E 58 8.79 5.38 35.62
C GLY E 58 10.13 5.27 34.94
N VAL E 59 10.27 5.83 33.74
CA VAL E 59 11.57 5.79 33.07
C VAL E 59 12.44 6.89 33.67
N PRO E 60 13.70 6.62 33.96
CA PRO E 60 14.58 7.66 34.52
C PRO E 60 14.68 8.87 33.60
N SER E 61 14.82 10.04 34.22
CA SER E 61 14.80 11.30 33.49
C SER E 61 16.07 11.55 32.68
N ARG E 62 17.10 10.72 32.80
CA ARG E 62 18.24 10.86 31.91
C ARG E 62 17.95 10.47 30.46
N PHE E 63 16.82 9.81 30.19
CA PHE E 63 16.40 9.51 28.82
C PHE E 63 15.55 10.66 28.30
N SER E 64 15.84 11.12 27.09
CA SER E 64 14.94 12.07 26.45
C SER E 64 14.90 11.81 24.96
N GLY E 65 13.76 12.10 24.35
CA GLY E 65 13.57 11.90 22.93
C GLY E 65 13.29 13.23 22.27
N SER E 66 13.80 13.39 21.05
CA SER E 66 13.56 14.62 20.33
C SER E 66 13.30 14.30 18.86
N GLY E 67 12.72 15.28 18.16
CA GLY E 67 12.64 15.18 16.72
C GLY E 67 11.22 15.21 16.19
N SER E 68 11.09 15.55 14.91
CA SER E 68 9.82 15.59 14.24
C SER E 68 10.06 15.32 12.75
N GLY E 69 9.03 14.83 12.06
CA GLY E 69 9.18 14.62 10.63
C GLY E 69 9.93 13.35 10.25
N THR E 70 11.19 13.47 9.84
CA THR E 70 11.98 12.31 9.44
C THR E 70 13.19 12.04 10.32
N GLU E 71 13.56 12.93 11.23
CA GLU E 71 14.79 12.76 11.99
C GLU E 71 14.49 12.78 13.48
N PHE E 72 14.82 11.69 14.17
CA PHE E 72 14.51 11.55 15.59
C PHE E 72 15.77 11.12 16.34
N THR E 73 15.89 11.60 17.58
CA THR E 73 17.05 11.23 18.39
C THR E 73 16.60 10.80 19.79
N LEU E 74 17.35 9.84 20.34
CA LEU E 74 17.24 9.46 21.74
C LEU E 74 18.54 9.80 22.44
N THR E 75 18.45 10.54 23.54
CA THR E 75 19.62 11.00 24.30
C THR E 75 19.58 10.41 25.70
N ILE E 76 20.72 9.86 26.14
CA ILE E 76 20.91 9.50 27.54
C ILE E 76 21.92 10.47 28.13
N SER E 77 21.47 11.27 29.11
CA SER E 77 22.32 12.30 29.75
C SER E 77 23.64 11.73 30.24
N SER E 78 23.56 10.77 31.17
CA SER E 78 24.72 10.24 31.88
C SER E 78 24.55 8.73 31.96
N LEU E 79 25.35 8.00 31.19
CA LEU E 79 25.13 6.59 31.03
C LEU E 79 25.34 5.85 32.35
N GLN E 80 24.42 4.93 32.65
CA GLN E 80 24.55 4.03 33.79
C GLN E 80 24.90 2.63 33.32
N PRO E 81 25.47 1.80 34.20
CA PRO E 81 25.82 0.43 33.78
C PRO E 81 24.64 -0.36 33.24
N GLU E 82 23.42 -0.06 33.69
CA GLU E 82 22.24 -0.80 33.25
C GLU E 82 21.67 -0.27 31.94
N ASP E 83 22.27 0.75 31.36
CA ASP E 83 21.78 1.34 30.12
C ASP E 83 22.33 0.66 28.89
N PHE E 84 23.30 -0.22 29.03
CA PHE E 84 23.81 -0.89 27.84
C PHE E 84 22.81 -1.93 27.38
N ALA E 85 22.46 -1.87 26.10
CA ALA E 85 21.31 -2.60 25.56
C ALA E 85 21.23 -2.36 24.06
N THR E 86 20.27 -2.98 23.40
CA THR E 86 19.93 -2.61 22.03
C THR E 86 18.66 -1.78 22.06
N TYR E 87 18.68 -0.65 21.34
CA TYR E 87 17.56 0.28 21.33
C TYR E 87 16.86 0.21 19.98
N TYR E 88 15.52 0.20 20.00
CA TYR E 88 14.70 0.12 18.78
C TYR E 88 13.73 1.30 18.73
N CYS E 89 13.52 1.85 17.53
CA CYS E 89 12.45 2.82 17.33
C CYS E 89 11.27 2.13 16.64
N GLN E 90 10.08 2.67 16.84
CA GLN E 90 8.85 2.08 16.32
C GLN E 90 7.96 3.19 15.79
N LEU E 91 7.37 2.95 14.62
CA LEU E 91 6.39 3.85 14.05
C LEU E 91 5.10 3.68 14.84
N LEU E 92 4.49 4.78 15.27
CA LEU E 92 3.25 4.72 16.06
C LEU E 92 2.05 5.01 15.19
N ASN E 93 0.87 4.69 15.73
CA ASN E 93 -0.46 4.97 15.15
C ASN E 93 -0.68 4.30 13.79
N SER E 94 -0.01 3.18 13.55
CA SER E 94 -0.14 2.43 12.25
C SER E 94 0.03 0.93 12.54
N TYR E 95 -0.87 0.08 12.07
CA TYR E 95 -0.79 -1.36 12.46
C TYR E 95 0.22 -2.16 11.62
N PRO E 96 0.51 -1.84 10.34
CA PRO E 96 1.62 -2.50 9.64
C PRO E 96 2.74 -1.92 10.50
N VAL E 97 2.86 -2.38 11.73
CA VAL E 97 3.80 -1.76 12.71
C VAL E 97 5.23 -1.93 12.20
N HIS E 98 5.98 -0.84 12.07
CA HIS E 98 7.33 -0.87 11.55
C HIS E 98 8.31 -0.53 12.65
N PHE E 99 9.41 -1.30 12.73
CA PHE E 99 10.48 -1.08 13.69
C PHE E 99 11.75 -0.68 12.96
N GLY E 100 12.60 0.10 13.63
CA GLY E 100 13.99 0.15 13.22
C GLY E 100 14.65 -1.19 13.44
N GLN E 101 15.85 -1.36 12.89
CA GLN E 101 16.59 -2.60 13.10
C GLN E 101 17.63 -2.50 14.21
N GLY E 102 17.61 -1.43 14.99
CA GLY E 102 18.28 -1.45 16.27
C GLY E 102 19.57 -0.63 16.29
N THR E 103 19.88 -0.06 17.46
CA THR E 103 21.21 0.44 17.78
C THR E 103 21.70 -0.31 19.02
N LYS E 104 22.86 -0.95 18.91
CA LYS E 104 23.44 -1.72 20.01
C LYS E 104 24.42 -0.83 20.77
N LEU E 105 24.14 -0.60 22.04
CA LEU E 105 24.98 0.24 22.88
C LEU E 105 25.81 -0.66 23.81
N GLU E 106 27.14 -0.65 23.62
CA GLU E 106 28.07 -1.47 24.38
C GLU E 106 28.97 -0.64 25.28
N ILE E 107 29.59 -1.29 26.27
CA ILE E 107 30.50 -0.61 27.18
C ILE E 107 31.88 -0.50 26.53
N LYS E 108 32.55 0.63 26.75
CA LYS E 108 33.76 0.97 25.97
C LYS E 108 35.00 0.15 26.38
N THR F 1 -35.86 24.93 -9.47
CA THR F 1 -34.62 24.99 -10.25
C THR F 1 -33.44 25.49 -9.40
N ASN F 2 -33.63 25.51 -8.09
CA ASN F 2 -32.57 25.94 -7.17
C ASN F 2 -31.54 24.82 -7.02
N LEU F 3 -30.27 25.13 -7.27
CA LEU F 3 -29.22 24.14 -7.16
C LEU F 3 -28.92 23.80 -5.70
N CYS F 4 -28.55 22.55 -5.48
CA CYS F 4 -28.27 22.08 -4.13
C CYS F 4 -27.07 22.81 -3.53
N PRO F 5 -27.07 23.10 -2.23
CA PRO F 5 -25.95 23.86 -1.63
C PRO F 5 -24.73 22.98 -1.36
N PHE F 6 -24.13 22.49 -2.44
CA PHE F 6 -22.92 21.66 -2.31
C PHE F 6 -21.74 22.48 -1.82
N GLY F 7 -21.58 23.70 -2.34
CA GLY F 7 -20.42 24.51 -1.99
C GLY F 7 -20.32 24.76 -0.49
N GLU F 8 -21.46 24.96 0.17
CA GLU F 8 -21.45 25.20 1.61
C GLU F 8 -20.74 24.09 2.37
N VAL F 9 -20.75 22.87 1.84
CA VAL F 9 -20.09 21.76 2.51
C VAL F 9 -18.63 21.60 2.07
N PHE F 10 -18.33 21.88 0.80
CA PHE F 10 -16.98 21.67 0.27
C PHE F 10 -16.03 22.84 0.51
N ASN F 11 -16.54 24.07 0.63
CA ASN F 11 -15.72 25.26 0.73
C ASN F 11 -15.56 25.73 2.18
N ALA F 12 -16.00 24.95 3.17
CA ALA F 12 -15.90 25.38 4.55
C ALA F 12 -14.44 25.65 4.93
N THR F 13 -14.25 26.68 5.75
CA THR F 13 -12.91 27.07 6.21
C THR F 13 -12.28 26.02 7.11
N ARG F 14 -13.06 25.42 8.02
CA ARG F 14 -12.59 24.35 8.89
C ARG F 14 -13.54 23.17 8.77
N PHE F 15 -13.00 21.94 8.70
CA PHE F 15 -13.86 20.77 8.67
C PHE F 15 -14.03 20.17 10.07
N ALA F 16 -15.02 19.28 10.19
CA ALA F 16 -15.27 18.54 11.43
C ALA F 16 -14.19 17.50 11.69
N SER F 17 -13.99 17.18 12.95
CA SER F 17 -13.21 16.01 13.34
C SER F 17 -13.99 14.75 12.98
N VAL F 18 -13.28 13.70 12.57
CA VAL F 18 -13.95 12.53 12.02
C VAL F 18 -14.86 11.88 13.06
N TYR F 19 -14.40 11.77 14.31
CA TYR F 19 -15.24 11.16 15.33
C TYR F 19 -16.50 11.97 15.57
N ALA F 20 -16.42 13.29 15.39
CA ALA F 20 -17.54 14.22 15.54
C ALA F 20 -18.09 14.66 14.18
N TRP F 21 -18.19 13.72 13.23
CA TRP F 21 -18.37 14.07 11.82
C TRP F 21 -19.66 14.85 11.58
N ASN F 22 -19.57 15.87 10.73
CA ASN F 22 -20.71 16.74 10.46
C ASN F 22 -21.62 16.15 9.38
N ARG F 23 -22.93 16.25 9.60
CA ARG F 23 -23.91 15.83 8.60
C ARG F 23 -24.75 17.03 8.19
N LYS F 24 -24.94 17.20 6.89
CA LYS F 24 -25.86 18.19 6.35
C LYS F 24 -26.87 17.47 5.47
N ARG F 25 -28.16 17.71 5.72
CA ARG F 25 -29.20 17.12 4.86
C ARG F 25 -29.43 18.03 3.67
N ILE F 26 -29.54 17.41 2.50
CA ILE F 26 -29.73 18.12 1.24
C ILE F 26 -31.01 17.59 0.61
N SER F 27 -31.89 18.51 0.22
CA SER F 27 -33.18 18.12 -0.33
C SER F 27 -33.84 19.32 -0.99
N ASN F 28 -34.89 19.03 -1.74
CA ASN F 28 -35.71 20.05 -2.42
C ASN F 28 -34.85 20.95 -3.31
N CYS F 29 -34.04 20.31 -4.15
CA CYS F 29 -33.07 21.06 -4.94
C CYS F 29 -32.63 20.23 -6.12
N VAL F 30 -31.98 20.91 -7.06
CA VAL F 30 -31.47 20.28 -8.28
C VAL F 30 -29.98 19.99 -8.07
N ALA F 31 -29.61 18.72 -8.22
CA ALA F 31 -28.25 18.27 -7.95
C ALA F 31 -27.41 18.40 -9.22
N ASP F 32 -26.66 19.48 -9.31
CA ASP F 32 -25.71 19.64 -10.42
C ASP F 32 -24.34 19.23 -9.90
N TYR F 33 -23.92 18.01 -10.22
CA TYR F 33 -22.62 17.56 -9.74
C TYR F 33 -21.48 18.25 -10.47
N SER F 34 -21.77 18.97 -11.55
CA SER F 34 -20.73 19.73 -12.26
C SER F 34 -20.25 20.91 -11.42
N VAL F 35 -21.10 21.49 -10.58
CA VAL F 35 -20.62 22.54 -9.67
C VAL F 35 -19.63 21.93 -8.69
N LEU F 36 -19.62 20.60 -8.59
CA LEU F 36 -18.69 19.88 -7.75
C LEU F 36 -17.44 19.45 -8.52
N TYR F 37 -17.61 18.80 -9.69
CA TYR F 37 -16.42 18.35 -10.40
C TYR F 37 -15.78 19.43 -11.26
N ASN F 38 -16.32 20.65 -11.25
CA ASN F 38 -15.64 21.82 -11.77
C ASN F 38 -15.02 22.65 -10.66
N SER F 39 -15.01 22.09 -9.45
CA SER F 39 -14.58 22.86 -8.25
C SER F 39 -13.08 23.13 -8.23
N ALA F 40 -12.27 22.35 -8.95
CA ALA F 40 -10.81 22.61 -9.04
C ALA F 40 -10.14 22.05 -7.78
N SER F 41 -10.61 22.47 -6.62
CA SER F 41 -10.11 21.81 -5.39
C SER F 41 -10.90 20.53 -5.29
N PHE F 42 -11.29 20.00 -6.44
CA PHE F 42 -12.00 18.74 -6.49
C PHE F 42 -11.00 17.70 -6.99
N SER F 43 -10.76 16.66 -6.19
CA SER F 43 -9.70 15.74 -6.57
C SER F 43 -10.21 14.33 -6.84
N THR F 44 -10.83 13.65 -5.87
CA THR F 44 -11.28 12.28 -6.12
C THR F 44 -12.74 12.11 -5.75
N PHE F 45 -13.37 11.13 -6.40
CA PHE F 45 -14.81 10.94 -6.35
C PHE F 45 -15.01 9.47 -6.70
N LYS F 46 -15.49 8.67 -5.76
CA LYS F 46 -15.76 7.27 -6.01
C LYS F 46 -17.13 6.92 -5.46
N CYS F 47 -17.97 6.33 -6.31
CA CYS F 47 -19.33 5.97 -5.92
C CYS F 47 -19.45 4.47 -5.72
N TYR F 48 -20.48 4.10 -4.96
CA TYR F 48 -20.77 2.71 -4.63
C TYR F 48 -22.27 2.52 -4.78
N GLY F 49 -22.67 1.36 -5.27
CA GLY F 49 -24.08 1.07 -5.41
C GLY F 49 -24.78 1.86 -6.50
N VAL F 50 -24.08 2.76 -7.18
CA VAL F 50 -24.62 3.48 -8.32
C VAL F 50 -23.44 3.96 -9.15
N SER F 51 -23.64 4.09 -10.47
CA SER F 51 -22.57 4.65 -11.29
C SER F 51 -22.66 6.16 -11.33
N PRO F 52 -21.53 6.89 -11.32
CA PRO F 52 -21.60 8.33 -11.54
C PRO F 52 -22.27 8.69 -12.86
N THR F 53 -22.11 7.85 -13.89
CA THR F 53 -22.70 8.10 -15.20
C THR F 53 -24.22 8.12 -15.17
N LYS F 54 -24.84 7.60 -14.11
CA LYS F 54 -26.29 7.54 -14.04
C LYS F 54 -26.88 8.63 -13.15
N LEU F 55 -26.01 9.37 -12.43
CA LEU F 55 -26.47 10.28 -11.39
C LEU F 55 -27.34 11.39 -11.96
N ASN F 56 -26.97 11.94 -13.12
CA ASN F 56 -27.75 13.02 -13.72
C ASN F 56 -29.11 12.61 -14.12
N ASP F 57 -29.55 11.42 -13.77
CA ASP F 57 -30.75 10.94 -14.43
C ASP F 57 -31.50 10.08 -13.41
N LEU F 58 -31.20 10.30 -12.11
CA LEU F 58 -31.80 9.65 -10.95
C LEU F 58 -32.29 10.69 -9.97
N CYS F 59 -33.26 10.29 -9.16
CA CYS F 59 -33.84 11.13 -8.11
C CYS F 59 -33.77 10.38 -6.79
N PHE F 60 -33.60 11.13 -5.69
CA PHE F 60 -33.47 10.55 -4.38
C PHE F 60 -34.35 11.29 -3.38
N THR F 61 -34.80 10.56 -2.34
CA THR F 61 -35.61 11.17 -1.30
C THR F 61 -34.82 12.25 -0.58
N ASN F 62 -33.63 11.90 -0.11
CA ASN F 62 -32.73 12.83 0.54
C ASN F 62 -31.29 12.52 0.12
N VAL F 63 -30.44 13.52 0.22
CA VAL F 63 -29.00 13.34 0.14
C VAL F 63 -28.39 13.87 1.44
N TYR F 64 -27.61 13.02 2.12
CA TYR F 64 -26.86 13.46 3.28
C TYR F 64 -25.41 13.69 2.88
N ALA F 65 -24.84 14.77 3.38
CA ALA F 65 -23.44 15.10 3.14
C ALA F 65 -22.73 15.05 4.48
N ASP F 66 -21.93 14.00 4.70
CA ASP F 66 -21.11 13.89 5.90
C ASP F 66 -19.70 14.35 5.59
N SER F 67 -19.12 15.18 6.46
CA SER F 67 -17.80 15.72 6.17
C SER F 67 -16.91 15.66 7.40
N PHE F 68 -15.61 15.46 7.16
CA PHE F 68 -14.62 15.33 8.22
C PHE F 68 -13.24 15.31 7.57
N VAL F 69 -12.21 15.35 8.43
CA VAL F 69 -10.81 15.24 8.03
C VAL F 69 -10.24 13.97 8.64
N ILE F 70 -9.49 13.22 7.82
CA ILE F 70 -8.69 12.08 8.25
C ILE F 70 -7.33 12.21 7.60
N ARG F 71 -6.42 11.28 7.93
CA ARG F 71 -5.15 11.32 7.21
C ARG F 71 -5.23 10.49 5.92
N GLY F 72 -4.28 10.75 5.02
CA GLY F 72 -4.36 10.21 3.66
C GLY F 72 -4.49 8.71 3.61
N ASP F 73 -3.69 7.99 4.39
CA ASP F 73 -3.74 6.54 4.22
C ASP F 73 -4.94 5.91 4.93
N GLU F 74 -5.79 6.74 5.55
CA GLU F 74 -7.06 6.30 6.11
C GLU F 74 -8.24 6.47 5.16
N VAL F 75 -8.06 7.17 4.03
CA VAL F 75 -9.20 7.41 3.13
C VAL F 75 -9.78 6.10 2.60
N ARG F 76 -8.94 5.08 2.40
CA ARG F 76 -9.44 3.79 1.91
C ARG F 76 -10.43 3.15 2.89
N GLN F 77 -10.46 3.57 4.15
CA GLN F 77 -11.43 3.05 5.10
C GLN F 77 -12.83 3.63 4.90
N ILE F 78 -12.95 4.72 4.14
CA ILE F 78 -14.27 5.34 3.87
C ILE F 78 -14.80 4.67 2.61
N ALA F 79 -15.29 3.45 2.79
CA ALA F 79 -15.73 2.55 1.73
C ALA F 79 -16.47 1.40 2.40
N PRO F 80 -17.44 0.80 1.71
CA PRO F 80 -18.11 -0.40 2.26
C PRO F 80 -17.12 -1.52 2.54
N GLY F 81 -17.36 -2.25 3.62
CA GLY F 81 -16.62 -3.46 3.90
C GLY F 81 -15.22 -3.29 4.46
N GLN F 82 -14.86 -2.10 4.93
CA GLN F 82 -13.50 -1.87 5.42
C GLN F 82 -13.43 -1.97 6.95
N THR F 83 -12.21 -2.13 7.44
CA THR F 83 -11.91 -2.19 8.87
C THR F 83 -10.70 -1.32 9.16
N GLY F 84 -10.44 -1.09 10.44
CA GLY F 84 -9.42 -0.16 10.89
C GLY F 84 -9.99 0.85 11.85
N LYS F 85 -9.10 1.71 12.36
CA LYS F 85 -9.48 2.64 13.42
C LYS F 85 -10.61 3.56 13.00
N ILE F 86 -10.59 4.02 11.75
CA ILE F 86 -11.61 4.97 11.31
C ILE F 86 -12.92 4.24 11.04
N ALA F 87 -12.88 3.16 10.27
CA ALA F 87 -14.14 2.49 9.96
C ALA F 87 -14.72 1.84 11.20
N ASP F 88 -13.87 1.32 12.09
CA ASP F 88 -14.38 0.61 13.26
C ASP F 88 -14.89 1.55 14.32
N TYR F 89 -14.16 2.63 14.59
CA TYR F 89 -14.42 3.44 15.76
C TYR F 89 -14.85 4.87 15.48
N ASN F 90 -14.78 5.34 14.23
CA ASN F 90 -15.04 6.75 13.94
C ASN F 90 -16.15 7.00 12.94
N TYR F 91 -16.12 6.38 11.76
CA TYR F 91 -17.14 6.63 10.75
C TYR F 91 -17.30 5.37 9.89
N LYS F 92 -18.48 4.77 9.91
CA LYS F 92 -18.72 3.45 9.31
C LYS F 92 -19.75 3.53 8.19
N LEU F 93 -19.35 3.08 6.94
CA LEU F 93 -20.33 2.93 5.87
C LEU F 93 -20.93 1.52 5.88
N PRO F 94 -22.20 1.38 5.52
CA PRO F 94 -22.79 0.03 5.41
C PRO F 94 -22.25 -0.73 4.20
N ASP F 95 -22.38 -2.07 4.27
CA ASP F 95 -21.92 -2.92 3.17
C ASP F 95 -22.67 -2.63 1.88
N ASP F 96 -23.94 -2.26 1.98
CA ASP F 96 -24.80 -1.97 0.83
C ASP F 96 -24.90 -0.47 0.58
N PHE F 97 -23.82 0.26 0.82
CA PHE F 97 -23.81 1.72 0.67
C PHE F 97 -24.17 2.15 -0.75
N THR F 98 -25.02 3.16 -0.85
CA THR F 98 -25.33 3.84 -2.11
C THR F 98 -24.96 5.30 -1.98
N GLY F 99 -23.91 5.72 -2.66
CA GLY F 99 -23.45 7.08 -2.54
C GLY F 99 -22.01 7.21 -3.01
N CYS F 100 -21.44 8.37 -2.77
CA CYS F 100 -20.16 8.71 -3.36
C CYS F 100 -19.28 9.31 -2.29
N VAL F 101 -17.99 8.99 -2.35
CA VAL F 101 -17.02 9.49 -1.39
C VAL F 101 -16.09 10.43 -2.13
N ILE F 102 -15.96 11.65 -1.60
CA ILE F 102 -15.23 12.73 -2.24
C ILE F 102 -14.10 13.09 -1.29
N ALA F 103 -12.88 13.17 -1.81
CA ALA F 103 -11.74 13.45 -0.93
C ALA F 103 -10.69 14.28 -1.66
N TRP F 104 -10.02 15.16 -0.93
CA TRP F 104 -8.91 15.90 -1.51
C TRP F 104 -7.88 16.24 -0.44
N ASN F 105 -6.62 16.28 -0.87
CA ASN F 105 -5.52 16.66 0.00
C ASN F 105 -5.72 18.09 0.49
N SER F 106 -5.68 18.29 1.82
CA SER F 106 -5.88 19.61 2.39
C SER F 106 -4.67 20.06 3.19
N ASN F 107 -3.48 19.59 2.80
CA ASN F 107 -2.26 19.94 3.50
C ASN F 107 -2.04 21.45 3.56
N ASN F 108 -2.39 22.18 2.49
CA ASN F 108 -2.21 23.63 2.44
CA ASN F 108 -2.17 23.62 2.48
C ASN F 108 -3.11 24.37 3.40
N LEU F 109 -4.21 23.76 3.82
CA LEU F 109 -5.19 24.37 4.72
C LEU F 109 -5.14 23.83 6.14
N ASP F 110 -4.91 22.53 6.30
CA ASP F 110 -5.12 21.87 7.58
C ASP F 110 -3.84 21.46 8.29
N SER F 111 -2.66 21.72 7.72
CA SER F 111 -1.45 21.47 8.48
C SER F 111 -0.85 22.81 8.91
N LYS F 112 0.03 22.75 9.90
CA LYS F 112 0.68 23.94 10.43
C LYS F 112 2.08 23.58 10.88
N VAL F 113 3.01 24.52 10.71
CA VAL F 113 4.35 24.33 11.23
C VAL F 113 4.26 24.13 12.74
N GLY F 114 4.89 23.07 13.23
CA GLY F 114 4.73 22.68 14.61
C GLY F 114 3.48 21.88 14.89
N GLY F 115 2.61 21.67 13.90
CA GLY F 115 1.46 20.81 14.05
C GLY F 115 0.14 21.54 14.19
N ASN F 116 -0.87 21.06 13.46
CA ASN F 116 -2.24 21.46 13.70
C ASN F 116 -2.89 20.34 14.52
N TYR F 117 -3.35 20.67 15.73
CA TYR F 117 -3.94 19.70 16.64
C TYR F 117 -5.44 19.84 16.73
N ASN F 118 -6.06 20.60 15.82
CA ASN F 118 -7.50 20.78 15.92
C ASN F 118 -8.29 19.55 15.48
N TYR F 119 -7.70 18.64 14.70
CA TYR F 119 -8.44 17.51 14.17
C TYR F 119 -8.21 16.28 15.04
N LEU F 120 -9.30 15.63 15.45
CA LEU F 120 -9.28 14.55 16.43
C LEU F 120 -9.93 13.29 15.87
N TYR F 121 -9.53 12.16 16.44
CA TYR F 121 -10.16 10.89 16.11
C TYR F 121 -10.30 10.07 17.38
N ARG F 122 -11.25 9.14 17.37
CA ARG F 122 -11.40 8.23 18.48
C ARG F 122 -10.37 7.12 18.32
N LEU F 123 -9.55 6.94 19.34
CA LEU F 123 -8.53 5.90 19.34
C LEU F 123 -8.95 4.65 20.08
N PHE F 124 -9.74 4.78 21.15
CA PHE F 124 -10.15 3.63 21.96
C PHE F 124 -11.66 3.52 21.96
N ARG F 125 -12.15 2.32 21.65
CA ARG F 125 -13.56 2.00 21.78
C ARG F 125 -13.68 0.49 21.98
N LYS F 126 -14.72 0.08 22.67
CA LYS F 126 -14.87 -1.32 23.02
C LYS F 126 -15.50 -2.15 21.90
N SER F 127 -16.29 -1.51 21.04
CA SER F 127 -16.96 -2.23 19.97
C SER F 127 -17.06 -1.34 18.75
N ASN F 128 -17.24 -1.97 17.59
CA ASN F 128 -17.35 -1.25 16.33
C ASN F 128 -18.66 -0.47 16.22
N LEU F 129 -18.58 0.68 15.57
CA LEU F 129 -19.77 1.45 15.25
C LEU F 129 -20.65 0.71 14.24
N LYS F 130 -21.97 0.88 14.40
CA LYS F 130 -22.92 0.56 13.34
C LYS F 130 -22.78 1.56 12.20
N PRO F 131 -23.23 1.19 11.00
CA PRO F 131 -23.14 2.14 9.88
C PRO F 131 -23.84 3.44 10.24
N PHE F 132 -23.17 4.54 9.97
CA PHE F 132 -23.64 5.91 10.22
C PHE F 132 -23.86 6.22 11.71
N GLU F 133 -23.33 5.39 12.61
CA GLU F 133 -23.38 5.71 14.03
C GLU F 133 -22.35 6.81 14.35
N ARG F 134 -22.73 7.71 15.24
CA ARG F 134 -21.85 8.80 15.68
C ARG F 134 -21.67 8.68 17.19
N ASP F 135 -20.42 8.59 17.63
CA ASP F 135 -20.09 8.52 19.06
C ASP F 135 -19.21 9.73 19.36
N ILE F 136 -19.71 10.67 20.17
CA ILE F 136 -18.92 11.83 20.56
C ILE F 136 -18.59 11.79 22.05
N SER F 137 -18.75 10.65 22.71
CA SER F 137 -18.44 10.61 24.14
C SER F 137 -16.96 10.78 24.37
N THR F 138 -16.62 11.40 25.50
CA THR F 138 -15.25 11.55 25.96
C THR F 138 -14.99 10.77 27.24
N GLU F 139 -15.78 9.74 27.51
CA GLU F 139 -15.62 8.93 28.72
C GLU F 139 -14.23 8.30 28.78
N ILE F 140 -13.62 8.31 29.98
CA ILE F 140 -12.32 7.66 30.15
C ILE F 140 -12.48 6.18 29.85
N TYR F 141 -11.59 5.68 29.00
CA TYR F 141 -11.71 4.32 28.50
C TYR F 141 -11.13 3.33 29.50
N GLN F 142 -11.95 2.37 29.94
CA GLN F 142 -11.55 1.39 30.95
C GLN F 142 -10.89 0.19 30.26
N ALA F 143 -9.56 0.13 30.31
CA ALA F 143 -8.82 -0.93 29.62
C ALA F 143 -8.56 -2.16 30.47
N GLY F 144 -8.90 -2.12 31.75
CA GLY F 144 -8.84 -3.28 32.62
C GLY F 144 -10.13 -3.44 33.40
N SER F 145 -10.10 -4.17 34.50
CA SER F 145 -11.31 -4.44 35.29
C SER F 145 -11.59 -3.37 36.33
N THR F 146 -10.69 -2.40 36.53
CA THR F 146 -10.83 -1.40 37.57
C THR F 146 -11.55 -0.16 37.03
N PRO F 147 -12.67 0.26 37.62
CA PRO F 147 -13.38 1.44 37.10
C PRO F 147 -12.52 2.69 37.18
N CYS F 148 -12.68 3.55 36.19
CA CYS F 148 -11.85 4.74 36.12
C CYS F 148 -12.40 5.91 36.91
N ASN F 149 -13.72 6.00 37.07
CA ASN F 149 -14.34 7.11 37.79
C ASN F 149 -13.87 8.45 37.25
N GLY F 150 -13.69 8.54 35.93
CA GLY F 150 -13.32 9.78 35.29
C GLY F 150 -11.88 10.20 35.44
N VAL F 151 -11.03 9.38 36.06
CA VAL F 151 -9.65 9.72 36.35
C VAL F 151 -8.74 9.03 35.36
N GLU F 152 -7.89 9.80 34.69
CA GLU F 152 -6.93 9.23 33.76
C GLU F 152 -5.77 8.57 34.50
N GLY F 153 -5.36 7.40 34.02
CA GLY F 153 -4.21 6.74 34.59
C GLY F 153 -3.93 5.45 33.87
N PHE F 154 -3.20 4.57 34.54
CA PHE F 154 -2.95 3.24 33.98
C PHE F 154 -4.27 2.54 33.73
N ASN F 155 -4.44 2.00 32.52
CA ASN F 155 -5.67 1.33 32.06
C ASN F 155 -6.88 2.26 32.01
N CYS F 156 -6.67 3.58 32.06
CA CYS F 156 -7.78 4.54 32.10
C CYS F 156 -7.42 5.70 31.17
N TYR F 157 -7.85 5.60 29.90
CA TYR F 157 -7.29 6.46 28.86
C TYR F 157 -8.33 7.41 28.30
N PHE F 158 -7.94 8.66 28.10
CA PHE F 158 -8.77 9.55 27.30
C PHE F 158 -8.97 8.89 25.93
N PRO F 159 -10.19 8.84 25.41
CA PRO F 159 -10.47 8.00 24.25
C PRO F 159 -10.11 8.61 22.90
N LEU F 160 -9.78 9.90 22.85
CA LEU F 160 -9.49 10.60 21.60
C LEU F 160 -8.02 10.97 21.51
N GLN F 161 -7.58 11.25 20.29
CA GLN F 161 -6.24 11.75 20.12
C GLN F 161 -6.24 12.71 18.93
N SER F 162 -5.18 13.51 18.81
CA SER F 162 -5.04 14.49 17.72
C SER F 162 -4.17 13.95 16.60
N TYR F 163 -4.52 14.35 15.37
CA TYR F 163 -3.64 14.05 14.23
C TYR F 163 -2.33 14.84 14.31
N GLY F 164 -2.39 16.11 14.65
CA GLY F 164 -1.18 16.91 14.65
C GLY F 164 -0.51 17.11 13.28
N PHE F 165 -1.30 17.41 12.24
CA PHE F 165 -0.77 17.54 10.88
C PHE F 165 0.31 18.59 10.77
N GLN F 166 1.47 18.20 10.22
CA GLN F 166 2.61 19.04 9.90
C GLN F 166 2.85 19.02 8.40
N PRO F 167 3.27 20.15 7.80
CA PRO F 167 3.40 20.21 6.34
C PRO F 167 4.43 19.26 5.76
N THR F 168 5.40 18.83 6.56
CA THR F 168 6.45 17.91 6.12
C THR F 168 6.01 16.45 6.16
N ASN F 169 4.78 16.17 6.61
CA ASN F 169 4.27 14.80 6.62
C ASN F 169 4.34 14.19 5.22
N GLY F 170 4.69 12.91 5.17
CA GLY F 170 4.43 12.13 3.98
C GLY F 170 2.95 12.11 3.64
N VAL F 171 2.65 11.88 2.36
CA VAL F 171 1.30 12.13 1.86
C VAL F 171 0.28 11.26 2.57
N GLY F 172 0.65 10.04 2.95
CA GLY F 172 -0.21 9.20 3.77
C GLY F 172 -0.52 9.77 5.15
N TYR F 173 0.30 10.69 5.66
CA TYR F 173 0.05 11.30 6.97
C TYR F 173 -0.46 12.73 6.86
N GLN F 174 -0.67 13.22 5.63
CA GLN F 174 -1.22 14.54 5.41
C GLN F 174 -2.73 14.51 5.57
N PRO F 175 -3.34 15.66 5.87
CA PRO F 175 -4.79 15.70 6.03
C PRO F 175 -5.53 15.59 4.70
N TYR F 176 -6.65 14.89 4.71
CA TYR F 176 -7.56 14.84 3.58
C TYR F 176 -8.93 15.26 4.05
N ARG F 177 -9.54 16.20 3.34
CA ARG F 177 -10.94 16.52 3.56
C ARG F 177 -11.81 15.52 2.80
N VAL F 178 -12.87 15.05 3.47
CA VAL F 178 -13.72 14.01 2.92
C VAL F 178 -15.17 14.46 3.00
N VAL F 179 -15.92 14.28 1.92
CA VAL F 179 -17.36 14.46 1.94
C VAL F 179 -17.99 13.16 1.45
N VAL F 180 -18.88 12.61 2.25
CA VAL F 180 -19.60 11.39 1.90
C VAL F 180 -21.02 11.79 1.55
N LEU F 181 -21.44 11.47 0.33
CA LEU F 181 -22.81 11.70 -0.14
C LEU F 181 -23.56 10.39 -0.04
N SER F 182 -24.58 10.34 0.79
CA SER F 182 -25.44 9.18 0.91
C SER F 182 -26.72 9.48 0.15
N PHE F 183 -27.08 8.62 -0.80
CA PHE F 183 -28.27 8.81 -1.61
C PHE F 183 -29.36 7.94 -1.00
N GLU F 184 -30.34 8.59 -0.38
CA GLU F 184 -31.43 7.89 0.28
C GLU F 184 -32.56 7.71 -0.72
N LEU F 185 -33.02 6.47 -0.89
CA LEU F 185 -34.22 6.19 -1.66
C LEU F 185 -35.21 5.49 -0.73
N LEU F 186 -35.98 6.30 0.00
CA LEU F 186 -37.08 5.81 0.81
C LEU F 186 -38.32 5.63 -0.06
N HIS F 187 -39.39 5.10 0.54
CA HIS F 187 -40.70 5.10 -0.10
C HIS F 187 -41.33 6.46 0.17
N ALA F 188 -40.96 7.43 -0.65
CA ALA F 188 -41.38 8.81 -0.46
C ALA F 188 -41.16 9.56 -1.75
N PRO F 189 -41.74 10.76 -1.91
CA PRO F 189 -41.43 11.58 -3.08
C PRO F 189 -39.95 11.91 -3.12
N ALA F 190 -39.41 11.92 -4.33
CA ALA F 190 -38.02 12.32 -4.51
C ALA F 190 -37.91 13.83 -4.58
N THR F 191 -37.00 14.41 -3.78
CA THR F 191 -36.80 15.85 -3.71
C THR F 191 -35.48 16.29 -4.31
N VAL F 192 -34.57 15.37 -4.62
CA VAL F 192 -33.27 15.69 -5.20
C VAL F 192 -33.18 15.00 -6.55
N CYS F 193 -33.12 15.78 -7.62
CA CYS F 193 -32.99 15.28 -8.97
C CYS F 193 -31.89 16.09 -9.64
N GLY F 194 -31.07 15.43 -10.45
CA GLY F 194 -30.08 16.17 -11.19
C GLY F 194 -30.37 16.23 -12.68
N PRO F 195 -30.98 17.31 -13.15
CA PRO F 195 -30.96 17.53 -14.60
C PRO F 195 -30.18 18.80 -14.93
#